data_3DRY
#
_entry.id   3DRY
#
_cell.length_a   102.990
_cell.length_b   106.791
_cell.length_c   110.174
_cell.angle_alpha   90.00
_cell.angle_beta   90.00
_cell.angle_gamma   90.00
#
_symmetry.space_group_name_H-M   'P 21 21 21'
#
_entity_poly.entity_id   1
_entity_poly.type   'polypeptide(L)'
_entity_poly.pdbx_seq_one_letter_code
;SALAQRPGSVSKWVRLNVGGTYFLTTRQTLCRDPKSFLYRLCQADPDLDSDKDETGAYLIDRDPTYFGPVLNYLRHGKLV
INKDLAEEGVLEEAEFYNITSLIKLVKDKIRERDSKTSQVPVKHVYRVLQCQEEELTQMVSTMSDGWKFEQLVSIGSSYN
YGNEDQAEFLCVVSKELHNTPYGTASEPSEKAKILQERGSRM
;
_entity_poly.pdbx_strand_id   A,B,C,D,E
#
# COMPACT_ATOMS: atom_id res chain seq x y z
N GLY A 8 -17.55 4.96 48.96
CA GLY A 8 -16.22 4.50 48.45
C GLY A 8 -16.33 3.35 47.47
N SER A 9 -17.29 3.46 46.56
CA SER A 9 -17.64 2.38 45.63
C SER A 9 -16.63 2.14 44.48
N VAL A 10 -16.64 0.92 43.93
CA VAL A 10 -15.71 0.54 42.85
C VAL A 10 -16.40 -0.23 41.70
N SER A 11 -17.49 0.35 41.17
CA SER A 11 -18.18 -0.18 39.96
C SER A 11 -17.25 -0.01 38.74
N LYS A 12 -16.36 -0.97 38.54
CA LYS A 12 -15.13 -0.73 37.78
C LYS A 12 -15.27 -0.71 36.26
N TRP A 13 -15.98 -1.69 35.70
CA TRP A 13 -16.01 -1.87 34.24
C TRP A 13 -17.26 -1.25 33.59
N VAL A 14 -17.15 -0.88 32.31
CA VAL A 14 -18.27 -0.27 31.58
C VAL A 14 -18.18 -0.60 30.09
N ARG A 15 -19.31 -0.97 29.49
CA ARG A 15 -19.35 -1.38 28.07
C ARG A 15 -19.94 -0.27 27.20
N LEU A 16 -19.27 0.07 26.10
CA LEU A 16 -19.79 1.08 25.19
C LEU A 16 -20.30 0.45 23.91
N ASN A 17 -21.49 0.86 23.44
CA ASN A 17 -22.04 0.35 22.17
C ASN A 17 -21.78 1.34 21.05
N VAL A 18 -20.53 1.76 20.91
CA VAL A 18 -20.20 2.75 19.92
C VAL A 18 -20.52 2.27 18.52
N GLY A 19 -21.63 2.76 17.99
CA GLY A 19 -22.01 2.56 16.59
C GLY A 19 -22.27 1.15 16.15
N GLY A 20 -22.65 0.29 17.10
CA GLY A 20 -22.89 -1.13 16.83
C GLY A 20 -21.90 -2.09 17.47
N THR A 21 -20.61 -1.89 17.21
CA THR A 21 -19.55 -2.76 17.72
C THR A 21 -19.22 -2.40 19.18
N TYR A 22 -19.36 -3.34 20.10
CA TYR A 22 -19.17 -3.07 21.55
C TYR A 22 -17.73 -2.66 21.92
N PHE A 23 -17.57 -2.17 23.15
CA PHE A 23 -16.27 -1.81 23.70
C PHE A 23 -16.28 -2.01 25.19
N LEU A 24 -15.19 -2.52 25.74
CA LEU A 24 -15.05 -2.59 27.18
C LEU A 24 -13.94 -1.68 27.60
N THR A 25 -14.21 -0.89 28.62
CA THR A 25 -13.19 -0.08 29.25
C THR A 25 -13.64 0.32 30.66
N THR A 26 -12.64 0.62 31.50
CA THR A 26 -12.86 0.84 32.92
C THR A 26 -13.32 2.27 33.16
N ARG A 27 -14.24 2.41 34.14
CA ARG A 27 -14.80 3.69 34.53
C ARG A 27 -13.68 4.72 34.58
N GLN A 28 -12.60 4.34 35.24
CA GLN A 28 -11.44 5.20 35.45
C GLN A 28 -10.79 5.71 34.15
N THR A 29 -10.80 4.92 33.08
CA THR A 29 -10.23 5.33 31.80
C THR A 29 -10.99 6.50 31.22
N LEU A 30 -12.29 6.55 31.52
CA LEU A 30 -13.18 7.58 30.99
C LEU A 30 -13.23 8.84 31.87
N CYS A 31 -12.19 9.04 32.69
CA CYS A 31 -12.10 10.22 33.52
C CYS A 31 -10.69 10.81 33.45
N ARG A 32 -10.17 10.91 32.23
CA ARG A 32 -8.86 11.50 31.98
C ARG A 32 -8.98 12.93 31.48
N ASP A 33 -10.08 13.23 30.79
CA ASP A 33 -10.41 14.58 30.35
C ASP A 33 -11.81 14.94 30.89
N PRO A 34 -11.87 15.64 32.03
CA PRO A 34 -13.16 15.88 32.69
C PRO A 34 -14.11 16.86 32.01
N LYS A 35 -13.72 17.41 30.85
CA LYS A 35 -14.57 18.31 30.08
C LYS A 35 -15.15 17.61 28.85
N SER A 36 -15.02 16.28 28.80
CA SER A 36 -15.42 15.47 27.64
C SER A 36 -16.71 14.72 27.92
N PHE A 37 -17.52 14.53 26.87
CA PHE A 37 -18.79 13.81 26.95
C PHE A 37 -18.64 12.56 27.82
N LEU A 38 -17.53 11.87 27.64
CA LEU A 38 -17.32 10.56 28.25
C LEU A 38 -17.26 10.63 29.75
N TYR A 39 -16.97 11.83 30.27
CA TYR A 39 -16.97 12.09 31.71
C TYR A 39 -18.34 11.89 32.36
N ARG A 40 -19.42 11.96 31.58
CA ARG A 40 -20.77 11.75 32.12
C ARG A 40 -21.04 10.27 32.33
N LEU A 41 -20.53 9.43 31.43
CA LEU A 41 -20.54 7.97 31.61
C LEU A 41 -19.76 7.63 32.88
N CYS A 42 -18.57 8.21 33.00
CA CYS A 42 -17.69 8.00 34.15
C CYS A 42 -18.36 8.29 35.50
N GLN A 43 -19.13 9.37 35.57
CA GLN A 43 -19.79 9.75 36.83
C GLN A 43 -21.12 9.02 37.05
N ALA A 44 -21.50 8.14 36.12
CA ALA A 44 -22.74 7.37 36.20
C ALA A 44 -23.94 8.32 36.19
N ASP A 45 -24.06 9.10 35.11
CA ASP A 45 -25.06 10.17 35.03
C ASP A 45 -26.48 9.60 34.83
N PRO A 46 -27.45 10.02 35.66
CA PRO A 46 -28.85 9.61 35.47
C PRO A 46 -29.50 10.07 34.16
N ASP A 47 -28.93 11.09 33.50
CA ASP A 47 -29.47 11.64 32.24
C ASP A 47 -29.17 10.77 31.01
N LEU A 48 -28.43 9.67 31.20
CA LEU A 48 -28.17 8.71 30.12
C LEU A 48 -28.54 7.26 30.48
N ASP A 49 -29.46 7.08 31.44
CA ASP A 49 -30.01 5.75 31.77
C ASP A 49 -30.88 5.17 30.62
N SER A 50 -31.45 6.05 29.80
CA SER A 50 -32.25 5.66 28.62
C SER A 50 -31.43 5.60 27.32
N ASP A 51 -30.12 5.78 27.42
CA ASP A 51 -29.19 5.49 26.30
C ASP A 51 -28.38 4.21 26.59
N LYS A 52 -28.85 3.46 27.59
CA LYS A 52 -28.32 2.14 27.89
C LYS A 52 -29.27 1.09 27.33
N ASP A 53 -28.74 0.14 26.58
CA ASP A 53 -29.54 -0.94 26.01
C ASP A 53 -29.75 -2.03 27.08
N GLU A 54 -30.12 -3.24 26.67
CA GLU A 54 -30.38 -4.35 27.60
C GLU A 54 -29.09 -4.82 28.30
N THR A 55 -28.10 -5.14 27.48
CA THR A 55 -26.81 -5.69 27.89
C THR A 55 -26.01 -4.81 28.86
N GLY A 56 -26.52 -3.61 29.17
CA GLY A 56 -25.87 -2.63 30.07
C GLY A 56 -25.16 -1.48 29.36
N ALA A 57 -24.68 -1.72 28.14
CA ALA A 57 -23.81 -0.77 27.43
C ALA A 57 -24.47 0.57 27.17
N TYR A 58 -23.63 1.57 26.90
CA TYR A 58 -24.10 2.92 26.58
C TYR A 58 -24.12 3.08 25.08
N LEU A 59 -25.23 3.57 24.57
CA LEU A 59 -25.39 3.72 23.12
C LEU A 59 -24.72 5.02 22.73
N ILE A 60 -23.95 4.98 21.66
CA ILE A 60 -23.28 6.15 21.14
C ILE A 60 -23.38 6.10 19.63
N ASP A 61 -23.95 7.13 19.02
CA ASP A 61 -24.28 7.11 17.59
C ASP A 61 -23.13 7.56 16.69
N ARG A 62 -21.94 7.01 16.91
CA ARG A 62 -20.74 7.44 16.20
C ARG A 62 -20.01 6.24 15.63
N ASP A 63 -19.08 6.48 14.71
CA ASP A 63 -18.34 5.40 14.07
C ASP A 63 -17.30 4.80 14.99
N PRO A 64 -17.39 3.49 15.31
CA PRO A 64 -16.38 2.81 16.10
C PRO A 64 -15.03 2.59 15.43
N THR A 65 -14.97 2.42 14.11
CA THR A 65 -13.66 2.21 13.50
C THR A 65 -12.67 3.32 13.92
N TYR A 66 -13.20 4.52 14.17
CA TYR A 66 -12.38 5.68 14.54
C TYR A 66 -12.32 5.93 16.05
N PHE A 67 -13.30 5.40 16.78
CA PHE A 67 -13.35 5.54 18.24
C PHE A 67 -12.27 4.79 19.01
N GLY A 68 -11.53 3.93 18.30
CA GLY A 68 -10.43 3.20 18.89
C GLY A 68 -9.37 4.18 19.34
N PRO A 69 -8.62 4.75 18.38
CA PRO A 69 -7.62 5.77 18.70
C PRO A 69 -8.03 6.71 19.84
N VAL A 70 -9.23 7.27 19.74
CA VAL A 70 -9.78 8.11 20.79
C VAL A 70 -9.78 7.44 22.18
N LEU A 71 -10.17 6.17 22.27
CA LEU A 71 -10.18 5.47 23.56
C LEU A 71 -8.77 5.07 23.99
N ASN A 72 -7.88 4.88 23.02
CA ASN A 72 -6.50 4.58 23.33
C ASN A 72 -5.80 5.77 23.98
N TYR A 73 -5.98 6.96 23.42
CA TYR A 73 -5.49 8.17 24.08
C TYR A 73 -5.90 8.23 25.56
N LEU A 74 -7.14 7.88 25.86
CA LEU A 74 -7.63 7.93 27.24
C LEU A 74 -7.10 6.80 28.11
N ARG A 75 -6.50 5.79 27.52
CA ARG A 75 -5.85 4.73 28.29
C ARG A 75 -4.40 5.09 28.58
N HIS A 76 -3.65 5.47 27.55
CA HIS A 76 -2.20 5.66 27.69
C HIS A 76 -1.65 7.02 27.27
N GLY A 77 -2.51 7.97 26.92
CA GLY A 77 -2.06 9.31 26.55
C GLY A 77 -1.12 9.41 25.36
N LYS A 78 -1.42 8.69 24.28
CA LYS A 78 -0.62 8.73 23.06
C LYS A 78 -1.51 8.62 21.83
N LEU A 79 -0.98 8.99 20.67
CA LEU A 79 -1.74 8.95 19.41
C LEU A 79 -1.35 7.76 18.52
N VAL A 80 -2.10 6.67 18.65
CA VAL A 80 -1.86 5.48 17.85
C VAL A 80 -2.86 5.41 16.70
N ILE A 81 -2.36 5.54 15.47
CA ILE A 81 -3.20 5.48 14.27
C ILE A 81 -2.64 4.52 13.22
N ASN A 82 -3.38 3.44 12.97
CA ASN A 82 -3.04 2.48 11.91
C ASN A 82 -2.99 3.16 10.56
N LYS A 83 -2.25 2.58 9.63
CA LYS A 83 -1.96 3.24 8.36
C LYS A 83 -3.19 3.35 7.45
N ASP A 84 -4.15 2.45 7.59
CA ASP A 84 -5.36 2.53 6.77
C ASP A 84 -6.33 3.61 7.26
N LEU A 85 -6.55 3.72 8.58
CA LEU A 85 -7.46 4.73 9.16
C LEU A 85 -7.08 6.16 8.80
N ALA A 86 -8.04 6.91 8.23
CA ALA A 86 -7.79 8.28 7.81
C ALA A 86 -7.93 9.22 9.02
N GLU A 87 -6.90 10.03 9.23
CA GLU A 87 -6.80 10.88 10.42
C GLU A 87 -7.92 11.93 10.55
N GLU A 88 -8.49 12.32 9.41
CA GLU A 88 -9.61 13.27 9.40
C GLU A 88 -10.76 12.72 10.23
N GLY A 89 -10.98 11.41 10.16
CA GLY A 89 -12.05 10.77 10.92
C GLY A 89 -11.78 10.71 12.41
N VAL A 90 -10.49 10.70 12.76
CA VAL A 90 -10.04 10.72 14.15
C VAL A 90 -10.27 12.11 14.72
N LEU A 91 -10.16 13.11 13.86
CA LEU A 91 -10.37 14.49 14.26
C LEU A 91 -11.84 14.72 14.60
N GLU A 92 -12.74 14.32 13.70
CA GLU A 92 -14.17 14.57 13.93
C GLU A 92 -14.64 13.93 15.24
N GLU A 93 -14.25 12.68 15.46
CA GLU A 93 -14.62 11.97 16.68
C GLU A 93 -14.05 12.69 17.90
N ALA A 94 -12.78 13.07 17.80
CA ALA A 94 -12.09 13.87 18.83
C ALA A 94 -12.85 15.14 19.21
N GLU A 95 -13.49 15.76 18.22
CA GLU A 95 -14.27 16.96 18.43
C GLU A 95 -15.61 16.65 19.11
N PHE A 96 -16.39 15.72 18.53
CA PHE A 96 -17.69 15.35 19.11
C PHE A 96 -17.59 14.94 20.58
N TYR A 97 -16.65 14.06 20.88
CA TYR A 97 -16.45 13.60 22.25
C TYR A 97 -15.83 14.72 23.08
N ASN A 98 -15.12 15.63 22.41
CA ASN A 98 -14.55 16.81 23.05
C ASN A 98 -13.36 16.44 23.93
N ILE A 99 -12.21 16.22 23.30
CA ILE A 99 -10.97 15.92 24.03
C ILE A 99 -9.91 16.90 23.55
N THR A 100 -9.87 18.08 24.18
CA THR A 100 -9.02 19.19 23.74
C THR A 100 -7.59 18.74 23.45
N SER A 101 -6.97 18.10 24.45
CA SER A 101 -5.59 17.61 24.38
C SER A 101 -5.32 16.79 23.12
N LEU A 102 -6.28 15.92 22.78
CA LEU A 102 -6.21 15.04 21.62
C LEU A 102 -6.38 15.82 20.34
N ILE A 103 -7.36 16.73 20.31
CA ILE A 103 -7.64 17.54 19.12
C ILE A 103 -6.40 18.32 18.70
N LYS A 104 -5.58 18.68 19.66
CA LYS A 104 -4.27 19.23 19.34
C LYS A 104 -3.46 18.19 18.56
N LEU A 105 -3.21 17.05 19.20
CA LEU A 105 -2.34 16.01 18.63
C LEU A 105 -2.73 15.59 17.21
N VAL A 106 -4.02 15.38 17.00
CA VAL A 106 -4.51 14.96 15.69
C VAL A 106 -4.25 16.02 14.63
N LYS A 107 -4.33 17.30 15.00
CA LYS A 107 -4.11 18.40 14.05
C LYS A 107 -2.62 18.67 13.75
N ASP A 108 -1.74 18.10 14.56
CA ASP A 108 -0.29 18.15 14.31
C ASP A 108 0.10 17.09 13.30
N LYS A 109 -0.54 15.93 13.39
CA LYS A 109 -0.33 14.86 12.42
C LYS A 109 -0.62 15.32 10.99
N ILE A 110 -1.78 15.96 10.79
CA ILE A 110 -2.22 16.33 9.44
C ILE A 110 -1.23 17.30 8.79
N ARG A 111 -0.87 18.36 9.52
CA ARG A 111 0.09 19.33 9.00
C ARG A 111 1.48 18.72 8.82
N GLU A 112 1.84 17.79 9.70
CA GLU A 112 3.06 16.99 9.51
C GLU A 112 3.06 16.36 8.11
N ARG A 113 2.02 15.57 7.81
CA ARG A 113 1.95 14.79 6.57
C ARG A 113 1.46 15.56 5.35
N ASP A 114 0.45 16.41 5.49
CA ASP A 114 -0.13 17.10 4.32
C ASP A 114 0.77 18.29 3.90
N SER A 115 1.91 18.45 4.60
CA SER A 115 3.03 19.27 4.12
C SER A 115 4.27 18.41 3.81
N LYS A 116 4.15 17.10 3.92
CA LYS A 116 5.17 16.14 3.49
C LYS A 116 5.03 15.84 2.00
N THR A 117 3.78 15.69 1.55
CA THR A 117 3.46 15.44 0.14
C THR A 117 3.95 16.56 -0.80
N SER A 118 4.16 17.75 -0.25
CA SER A 118 4.81 18.82 -1.00
C SER A 118 6.29 18.48 -1.21
N GLN A 119 6.63 18.12 -2.45
CA GLN A 119 7.95 17.54 -2.79
C GLN A 119 8.90 18.59 -3.36
N VAL A 120 9.85 19.04 -2.54
CA VAL A 120 10.76 20.13 -2.94
C VAL A 120 11.98 19.59 -3.69
N PRO A 121 12.33 20.22 -4.83
CA PRO A 121 13.52 19.79 -5.56
C PRO A 121 14.75 19.62 -4.66
N VAL A 122 15.55 18.58 -4.94
CA VAL A 122 16.81 18.35 -4.24
C VAL A 122 17.87 19.33 -4.74
N LYS A 123 18.57 19.96 -3.81
CA LYS A 123 19.69 20.85 -4.16
C LYS A 123 20.91 20.02 -4.49
N HIS A 124 21.77 20.58 -5.34
CA HIS A 124 22.98 19.89 -5.77
C HIS A 124 24.20 20.78 -5.57
N VAL A 125 25.36 20.18 -5.33
CA VAL A 125 26.63 20.89 -5.30
C VAL A 125 27.46 20.32 -6.41
N TYR A 126 28.21 21.17 -7.09
CA TYR A 126 28.87 20.79 -8.33
C TYR A 126 30.32 21.22 -8.34
N ARG A 127 31.21 20.36 -8.81
CA ARG A 127 32.64 20.66 -8.86
C ARG A 127 33.27 20.26 -10.16
N VAL A 128 34.25 21.04 -10.60
CA VAL A 128 35.00 20.75 -11.80
C VAL A 128 36.39 20.27 -11.41
N LEU A 129 36.66 18.99 -11.63
CA LEU A 129 37.99 18.43 -11.45
C LEU A 129 38.79 18.59 -12.74
N GLN A 130 40.02 18.08 -12.76
CA GLN A 130 40.89 18.26 -13.91
C GLN A 130 42.00 17.24 -13.81
N CYS A 131 42.01 16.28 -14.74
CA CYS A 131 42.94 15.16 -14.64
C CYS A 131 43.37 14.67 -16.01
N GLN A 132 44.67 14.49 -16.16
CA GLN A 132 45.23 14.07 -17.43
C GLN A 132 44.80 12.65 -17.78
N GLU A 133 44.96 12.30 -19.06
CA GLU A 133 44.49 11.01 -19.61
C GLU A 133 44.80 9.81 -18.69
N GLU A 134 46.09 9.57 -18.46
CA GLU A 134 46.58 8.47 -17.62
C GLU A 134 45.80 8.28 -16.32
N GLU A 135 45.54 9.37 -15.62
CA GLU A 135 44.99 9.32 -14.29
C GLU A 135 43.48 9.52 -14.26
N LEU A 136 42.87 9.47 -15.45
CA LEU A 136 41.44 9.69 -15.62
C LEU A 136 40.65 8.53 -15.05
N THR A 137 40.83 7.36 -15.66
CA THR A 137 40.18 6.13 -15.20
C THR A 137 40.19 6.09 -13.69
N GLN A 138 41.34 6.44 -13.11
CA GLN A 138 41.53 6.39 -11.65
C GLN A 138 40.56 7.30 -10.91
N MET A 139 40.42 8.52 -11.39
CA MET A 139 39.58 9.52 -10.77
C MET A 139 38.14 9.05 -10.64
N VAL A 140 37.55 8.61 -11.76
CA VAL A 140 36.11 8.32 -11.79
C VAL A 140 35.72 7.09 -10.95
N SER A 141 36.52 6.04 -11.05
CA SER A 141 36.23 4.78 -10.37
C SER A 141 36.51 4.78 -8.85
N THR A 142 37.22 5.80 -8.37
CA THR A 142 37.60 5.94 -6.95
C THR A 142 36.65 6.83 -6.15
N MET A 143 35.97 7.74 -6.85
CA MET A 143 35.06 8.72 -6.27
C MET A 143 34.38 8.28 -5.02
N SER A 144 34.24 9.21 -4.08
CA SER A 144 33.62 8.89 -2.81
C SER A 144 32.16 8.59 -3.03
N ASP A 145 31.54 8.10 -1.98
CA ASP A 145 30.10 7.82 -1.96
C ASP A 145 29.34 9.05 -2.42
N GLY A 146 28.22 8.83 -3.13
CA GLY A 146 27.27 9.90 -3.44
C GLY A 146 27.59 10.71 -4.68
N TRP A 147 28.86 11.01 -4.89
CA TRP A 147 29.24 11.83 -6.01
C TRP A 147 28.89 11.10 -7.31
N LYS A 148 27.93 11.65 -8.06
CA LYS A 148 27.59 11.17 -9.41
C LYS A 148 28.43 11.90 -10.44
N PHE A 149 28.54 11.30 -11.61
CA PHE A 149 29.23 11.88 -12.76
C PHE A 149 28.26 12.81 -13.48
N GLU A 150 28.75 13.79 -14.23
CA GLU A 150 27.88 14.69 -15.00
C GLU A 150 28.35 14.84 -16.42
N GLN A 151 29.54 15.38 -16.60
CA GLN A 151 30.06 15.62 -17.94
C GLN A 151 31.57 15.61 -17.84
N LEU A 152 32.24 15.55 -18.98
CA LEU A 152 33.65 15.87 -19.04
C LEU A 152 34.05 16.34 -20.42
N VAL A 153 35.08 17.17 -20.47
CA VAL A 153 35.45 17.84 -21.71
C VAL A 153 36.95 17.81 -21.94
N SER A 154 37.35 17.53 -23.17
CA SER A 154 38.76 17.61 -23.49
C SER A 154 39.13 19.08 -23.70
N ILE A 155 40.33 19.46 -23.25
CA ILE A 155 40.80 20.83 -23.43
C ILE A 155 41.86 20.84 -24.52
N GLY A 156 41.38 20.62 -25.74
CA GLY A 156 42.20 20.57 -26.94
C GLY A 156 42.16 19.24 -27.70
N SER A 157 41.94 18.13 -26.95
CA SER A 157 42.18 16.76 -27.47
C SER A 157 43.28 16.68 -28.59
N SER A 158 44.53 16.88 -28.17
CA SER A 158 45.69 16.74 -29.04
C SER A 158 46.98 16.95 -28.22
N GLU A 164 55.36 22.34 -23.83
CA GLU A 164 53.94 22.25 -23.47
C GLU A 164 53.70 21.19 -22.37
N ASP A 165 52.54 21.29 -21.72
CA ASP A 165 52.05 20.31 -20.72
C ASP A 165 50.55 20.55 -20.40
N GLN A 166 50.25 21.68 -19.77
CA GLN A 166 48.89 22.10 -19.38
C GLN A 166 48.08 21.01 -18.64
N ALA A 167 46.74 21.08 -18.70
CA ALA A 167 45.89 19.96 -18.30
C ALA A 167 45.16 19.41 -19.53
N GLU A 168 44.94 18.09 -19.54
CA GLU A 168 44.41 17.38 -20.71
C GLU A 168 42.89 17.41 -20.77
N PHE A 169 42.26 17.10 -19.63
CA PHE A 169 40.81 17.04 -19.47
C PHE A 169 40.34 17.95 -18.37
N LEU A 170 39.04 18.20 -18.31
CA LEU A 170 38.34 18.69 -17.11
C LEU A 170 37.21 17.70 -16.84
N CYS A 171 36.36 17.99 -15.89
CA CYS A 171 35.27 17.08 -15.58
C CYS A 171 34.36 17.63 -14.51
N VAL A 172 33.05 17.58 -14.75
CA VAL A 172 32.08 18.02 -13.75
C VAL A 172 31.45 16.84 -13.05
N VAL A 173 31.51 16.84 -11.73
CA VAL A 173 30.87 15.81 -10.94
C VAL A 173 29.89 16.55 -10.02
N SER A 174 29.11 15.83 -9.22
CA SER A 174 28.00 16.45 -8.54
C SER A 174 27.49 15.54 -7.47
N LYS A 175 26.72 16.09 -6.54
CA LYS A 175 26.38 15.36 -5.35
C LYS A 175 25.14 15.94 -4.77
N GLU A 176 24.23 15.07 -4.34
CA GLU A 176 22.96 15.47 -3.76
C GLU A 176 23.23 16.28 -2.48
N LEU A 177 22.24 17.05 -2.00
CA LEU A 177 22.35 17.84 -0.74
C LEU A 177 21.21 17.57 0.23
N HIS A 178 20.77 16.31 0.29
CA HIS A 178 19.62 15.92 1.13
C HIS A 178 19.98 15.93 2.63
N VAL B 10 -9.41 -25.37 37.21
CA VAL B 10 -8.46 -26.45 36.83
C VAL B 10 -8.30 -26.63 35.31
N SER B 11 -8.79 -25.69 34.49
CA SER B 11 -8.73 -25.83 33.01
C SER B 11 -7.40 -25.44 32.35
N LYS B 12 -7.03 -26.19 31.32
CA LYS B 12 -5.88 -25.85 30.49
C LYS B 12 -6.10 -24.51 29.77
N TRP B 13 -7.37 -24.14 29.53
CA TRP B 13 -7.71 -23.01 28.66
C TRP B 13 -8.20 -21.79 29.44
N VAL B 14 -7.99 -20.63 28.82
CA VAL B 14 -8.26 -19.34 29.42
C VAL B 14 -8.83 -18.42 28.37
N ARG B 15 -9.93 -17.75 28.70
CA ARG B 15 -10.51 -16.76 27.80
C ARG B 15 -10.17 -15.34 28.29
N LEU B 16 -9.96 -14.44 27.34
CA LEU B 16 -9.59 -13.07 27.65
C LEU B 16 -10.53 -12.12 26.93
N ASN B 17 -11.18 -11.22 27.68
CA ASN B 17 -11.93 -10.12 27.08
C ASN B 17 -11.04 -8.88 26.99
N VAL B 18 -10.35 -8.73 25.87
CA VAL B 18 -9.33 -7.69 25.72
C VAL B 18 -9.91 -6.43 25.08
N GLY B 19 -10.39 -5.52 25.92
CA GLY B 19 -10.94 -4.25 25.45
C GLY B 19 -12.32 -4.33 24.84
N GLY B 20 -12.87 -5.55 24.78
CA GLY B 20 -14.12 -5.82 24.08
C GLY B 20 -14.14 -7.18 23.40
N THR B 21 -13.21 -7.40 22.46
CA THR B 21 -13.14 -8.66 21.72
C THR B 21 -12.52 -9.80 22.56
N TYR B 22 -13.02 -11.02 22.39
CA TYR B 22 -12.61 -12.18 23.22
C TYR B 22 -11.42 -12.88 22.57
N PHE B 23 -10.55 -13.45 23.40
CA PHE B 23 -9.34 -14.16 22.93
C PHE B 23 -9.22 -15.49 23.64
N LEU B 24 -8.91 -16.54 22.86
CA LEU B 24 -8.70 -17.87 23.41
C LEU B 24 -7.21 -18.19 23.46
N THR B 25 -6.78 -18.77 24.58
CA THR B 25 -5.41 -19.23 24.72
C THR B 25 -5.22 -20.06 26.00
N THR B 26 -4.13 -20.82 26.05
CA THR B 26 -3.87 -21.77 27.10
C THR B 26 -3.15 -21.14 28.27
N ARG B 27 -3.49 -21.60 29.47
CA ARG B 27 -2.76 -21.31 30.68
C ARG B 27 -1.27 -21.34 30.39
N GLN B 28 -0.81 -22.39 29.72
CA GLN B 28 0.60 -22.56 29.38
C GLN B 28 1.27 -21.40 28.63
N THR B 29 0.54 -20.70 27.77
CA THR B 29 1.15 -19.65 26.95
C THR B 29 1.28 -18.33 27.71
N LEU B 30 0.52 -18.17 28.80
CA LEU B 30 0.53 -16.94 29.60
C LEU B 30 1.51 -17.01 30.76
N CYS B 31 2.54 -17.84 30.63
CA CYS B 31 3.62 -17.87 31.59
C CYS B 31 4.99 -18.08 30.95
N ARG B 32 5.09 -17.89 29.65
CA ARG B 32 6.38 -17.96 28.98
C ARG B 32 7.33 -16.90 29.55
N ASP B 33 6.80 -15.75 29.98
CA ASP B 33 7.58 -14.68 30.62
C ASP B 33 6.89 -14.36 31.95
N PRO B 34 7.45 -14.86 33.07
CA PRO B 34 6.77 -14.86 34.39
C PRO B 34 6.81 -13.55 35.17
N LYS B 35 7.37 -12.49 34.59
CA LYS B 35 7.33 -11.18 35.20
C LYS B 35 6.12 -10.40 34.72
N SER B 36 5.53 -10.82 33.60
CA SER B 36 4.41 -10.11 32.98
C SER B 36 3.16 -10.05 33.84
N PHE B 37 2.26 -9.13 33.48
CA PHE B 37 0.95 -9.03 34.12
C PHE B 37 0.23 -10.35 33.90
N LEU B 38 0.23 -10.78 32.64
CA LEU B 38 -0.49 -11.96 32.17
C LEU B 38 -0.26 -13.15 33.11
N TYR B 39 0.98 -13.29 33.57
CA TYR B 39 1.37 -14.34 34.51
C TYR B 39 0.41 -14.58 35.67
N ARG B 40 -0.21 -13.53 36.20
CA ARG B 40 -1.13 -13.67 37.34
C ARG B 40 -2.36 -14.51 36.96
N LEU B 41 -2.91 -14.21 35.79
CA LEU B 41 -4.02 -15.00 35.22
C LEU B 41 -3.61 -16.46 35.21
N CYS B 42 -2.65 -16.80 34.34
CA CYS B 42 -1.95 -18.09 34.40
C CYS B 42 -1.92 -18.70 35.81
N GLN B 43 -1.66 -17.89 36.83
CA GLN B 43 -1.47 -18.40 38.18
C GLN B 43 -2.74 -18.54 39.04
N ALA B 44 -3.92 -18.47 38.41
CA ALA B 44 -5.21 -18.68 39.11
C ALA B 44 -5.34 -17.77 40.34
N ASP B 45 -5.16 -16.46 40.11
CA ASP B 45 -5.02 -15.45 41.17
C ASP B 45 -6.38 -15.02 41.70
N PRO B 46 -6.60 -15.12 43.03
CA PRO B 46 -7.78 -14.54 43.72
C PRO B 46 -7.90 -12.99 43.74
N ASP B 47 -6.93 -12.27 43.15
CA ASP B 47 -7.00 -10.80 42.99
C ASP B 47 -7.49 -10.35 41.60
N LEU B 48 -7.56 -11.27 40.64
CA LEU B 48 -8.18 -10.99 39.34
C LEU B 48 -9.41 -11.87 39.10
N ASP B 49 -10.13 -12.22 40.18
CA ASP B 49 -11.37 -12.99 40.08
C ASP B 49 -12.53 -12.07 39.65
N SER B 50 -12.75 -10.98 40.39
CA SER B 50 -13.80 -9.99 40.07
C SER B 50 -13.67 -9.41 38.65
N ASP B 51 -12.43 -9.34 38.14
CA ASP B 51 -12.18 -8.91 36.77
C ASP B 51 -12.48 -10.01 35.75
N LYS B 52 -13.37 -10.92 36.12
CA LYS B 52 -13.97 -11.86 35.18
C LYS B 52 -15.44 -11.52 35.01
N ASP B 53 -15.95 -11.76 33.79
CA ASP B 53 -17.37 -11.54 33.46
C ASP B 53 -18.19 -12.83 33.58
N GLU B 54 -19.48 -12.77 33.26
CA GLU B 54 -20.41 -13.90 33.45
C GLU B 54 -19.96 -15.16 32.68
N THR B 55 -19.44 -14.96 31.47
CA THR B 55 -19.03 -16.08 30.63
C THR B 55 -17.65 -16.61 31.01
N GLY B 56 -16.98 -15.98 31.98
CA GLY B 56 -15.78 -16.53 32.59
C GLY B 56 -14.49 -15.79 32.26
N ALA B 57 -14.45 -15.09 31.14
CA ALA B 57 -13.23 -14.41 30.69
C ALA B 57 -12.62 -13.47 31.71
N TYR B 58 -11.34 -13.17 31.54
CA TYR B 58 -10.67 -12.12 32.28
C TYR B 58 -10.76 -10.82 31.50
N LEU B 59 -11.03 -9.73 32.21
CA LEU B 59 -11.26 -8.43 31.60
C LEU B 59 -9.97 -7.64 31.62
N ILE B 60 -9.69 -6.92 30.55
CA ILE B 60 -8.40 -6.25 30.40
C ILE B 60 -8.57 -4.98 29.59
N ASP B 61 -8.56 -3.85 30.29
CA ASP B 61 -8.83 -2.55 29.70
C ASP B 61 -7.76 -2.13 28.68
N ARG B 62 -7.58 -2.90 27.61
CA ARG B 62 -6.66 -2.51 26.54
C ARG B 62 -7.16 -2.83 25.12
N ASP B 63 -6.71 -2.04 24.16
CA ASP B 63 -7.07 -2.26 22.79
C ASP B 63 -6.57 -3.64 22.42
N PRO B 64 -7.41 -4.49 21.81
CA PRO B 64 -6.99 -5.78 21.29
C PRO B 64 -6.28 -5.71 19.93
N THR B 65 -6.77 -4.93 18.99
CA THR B 65 -6.15 -4.94 17.65
C THR B 65 -4.63 -4.92 17.71
N TYR B 66 -4.08 -4.42 18.83
CA TYR B 66 -2.64 -4.41 19.05
C TYR B 66 -2.18 -5.59 19.90
N PHE B 67 -3.05 -6.09 20.77
CA PHE B 67 -2.73 -7.26 21.60
C PHE B 67 -2.49 -8.56 20.84
N GLY B 68 -2.68 -8.55 19.53
CA GLY B 68 -2.46 -9.75 18.72
C GLY B 68 -1.02 -10.20 18.77
N PRO B 69 -0.13 -9.48 18.06
CA PRO B 69 1.30 -9.76 18.04
C PRO B 69 1.94 -10.02 19.42
N VAL B 70 1.43 -9.38 20.49
CA VAL B 70 1.88 -9.67 21.85
C VAL B 70 1.65 -11.14 22.16
N LEU B 71 0.43 -11.61 21.93
CA LEU B 71 0.04 -12.98 22.26
C LEU B 71 0.74 -14.02 21.38
N ASN B 72 0.98 -13.70 20.12
CA ASN B 72 1.80 -14.55 19.26
C ASN B 72 3.20 -14.76 19.79
N TYR B 73 3.89 -13.69 20.17
CA TYR B 73 5.21 -13.81 20.77
C TYR B 73 5.18 -14.82 21.93
N LEU B 74 4.26 -14.62 22.87
CA LEU B 74 4.08 -15.53 24.00
C LEU B 74 3.78 -16.96 23.58
N ARG B 75 3.60 -17.22 22.28
CA ARG B 75 3.35 -18.56 21.77
C ARG B 75 4.58 -19.14 21.14
N HIS B 76 5.13 -18.45 20.15
CA HIS B 76 6.26 -18.98 19.36
C HIS B 76 7.58 -18.17 19.47
N GLY B 77 7.61 -17.15 20.32
CA GLY B 77 8.83 -16.36 20.57
C GLY B 77 9.37 -15.58 19.37
N LYS B 78 8.48 -15.16 18.49
CA LYS B 78 8.86 -14.40 17.30
C LYS B 78 8.04 -13.10 17.29
N LEU B 79 8.43 -12.15 16.44
CA LEU B 79 7.64 -10.95 16.23
C LEU B 79 6.90 -11.02 14.90
N VAL B 80 5.57 -11.02 14.99
CA VAL B 80 4.69 -10.99 13.83
C VAL B 80 3.82 -9.72 13.85
N ILE B 81 4.12 -8.79 12.95
CA ILE B 81 3.37 -7.55 12.79
C ILE B 81 2.90 -7.43 11.34
N ASN B 82 1.59 -7.27 11.17
CA ASN B 82 1.00 -7.10 9.86
C ASN B 82 1.30 -5.70 9.33
N LYS B 83 1.61 -5.60 8.03
CA LYS B 83 2.10 -4.36 7.40
C LYS B 83 1.39 -3.07 7.83
N ASP B 84 0.08 -3.11 8.04
CA ASP B 84 -0.65 -1.89 8.40
C ASP B 84 -0.58 -1.53 9.89
N LEU B 85 -0.43 -2.53 10.76
CA LEU B 85 -0.44 -2.28 12.22
C LEU B 85 0.80 -1.47 12.62
N ALA B 86 0.57 -0.37 13.35
CA ALA B 86 1.66 0.54 13.70
C ALA B 86 2.45 0.02 14.89
N GLU B 87 3.77 -0.10 14.70
CA GLU B 87 4.65 -0.67 15.75
C GLU B 87 4.50 0.06 17.09
N GLU B 88 4.49 1.39 17.05
CA GLU B 88 4.38 2.21 18.25
C GLU B 88 3.23 1.78 19.20
N GLY B 89 2.16 1.25 18.63
CA GLY B 89 1.03 0.76 19.41
C GLY B 89 1.32 -0.58 20.02
N VAL B 90 2.21 -1.33 19.37
CA VAL B 90 2.67 -2.61 19.90
C VAL B 90 3.49 -2.33 21.16
N LEU B 91 4.53 -1.52 20.99
CA LEU B 91 5.45 -1.19 22.08
C LEU B 91 4.73 -0.85 23.38
N GLU B 92 3.73 0.01 23.28
CA GLU B 92 2.96 0.44 24.46
C GLU B 92 2.32 -0.75 25.15
N GLU B 93 1.84 -1.71 24.37
CA GLU B 93 1.21 -2.89 24.94
C GLU B 93 2.25 -3.84 25.55
N ALA B 94 3.40 -3.97 24.89
CA ALA B 94 4.53 -4.74 25.42
C ALA B 94 4.95 -4.19 26.78
N GLU B 95 5.08 -2.86 26.84
CA GLU B 95 5.48 -2.17 28.05
C GLU B 95 4.40 -2.17 29.12
N PHE B 96 3.13 -2.02 28.74
CA PHE B 96 2.04 -2.13 29.70
C PHE B 96 1.99 -3.49 30.36
N TYR B 97 2.18 -4.54 29.55
CA TYR B 97 2.09 -5.91 30.02
C TYR B 97 3.38 -6.39 30.69
N ASN B 98 4.47 -5.68 30.45
CA ASN B 98 5.75 -5.99 31.07
C ASN B 98 6.30 -7.27 30.49
N ILE B 99 6.84 -7.17 29.29
CA ILE B 99 7.41 -8.30 28.60
C ILE B 99 8.68 -7.80 27.98
N THR B 100 9.74 -7.76 28.79
CA THR B 100 10.96 -7.03 28.42
C THR B 100 11.58 -7.55 27.13
N SER B 101 11.69 -8.86 27.01
CA SER B 101 12.32 -9.51 25.87
C SER B 101 11.71 -9.07 24.52
N LEU B 102 10.40 -8.83 24.54
CA LEU B 102 9.66 -8.37 23.36
C LEU B 102 9.95 -6.90 23.11
N ILE B 103 9.86 -6.09 24.16
CA ILE B 103 10.11 -4.66 24.07
C ILE B 103 11.43 -4.44 23.34
N LYS B 104 12.46 -5.21 23.71
CA LYS B 104 13.74 -5.19 23.01
C LYS B 104 13.51 -5.38 21.51
N LEU B 105 12.81 -6.44 21.14
CA LEU B 105 12.53 -6.75 19.75
C LEU B 105 11.71 -5.64 19.08
N VAL B 106 10.75 -5.07 19.82
CA VAL B 106 9.82 -4.07 19.27
C VAL B 106 10.51 -2.75 18.92
N LYS B 107 11.46 -2.32 19.76
CA LYS B 107 12.23 -1.10 19.51
C LYS B 107 13.31 -1.29 18.43
N ASP B 108 13.67 -2.55 18.16
CA ASP B 108 14.61 -2.89 17.08
C ASP B 108 13.94 -2.77 15.71
N LYS B 109 12.65 -3.11 15.64
CA LYS B 109 11.83 -2.88 14.44
C LYS B 109 11.67 -1.38 14.13
N ILE B 110 11.49 -0.56 15.17
CA ILE B 110 11.29 0.86 14.98
C ILE B 110 12.54 1.52 14.41
N ARG B 111 13.70 1.16 14.96
CA ARG B 111 15.00 1.61 14.44
C ARG B 111 15.31 1.01 13.06
N GLU B 112 14.92 -0.25 12.88
CA GLU B 112 15.08 -0.99 11.62
C GLU B 112 14.55 -0.22 10.38
N ARG B 113 13.26 0.16 10.43
CA ARG B 113 12.60 0.76 9.26
C ARG B 113 12.62 2.28 9.24
N ASP B 114 12.98 2.90 10.36
CA ASP B 114 13.19 4.36 10.40
C ASP B 114 14.34 4.79 9.49
N SER B 115 15.47 4.12 9.64
CA SER B 115 16.70 4.45 8.91
C SER B 115 16.62 4.29 7.38
N LYS B 116 15.45 3.89 6.87
CA LYS B 116 15.23 3.71 5.44
C LYS B 116 14.81 4.97 4.65
N THR B 117 14.77 6.13 5.33
CA THR B 117 14.45 7.42 4.67
C THR B 117 15.57 7.85 3.72
N SER B 118 16.74 7.25 3.88
CA SER B 118 17.83 7.45 2.93
C SER B 118 17.31 7.65 1.51
N GLN B 119 17.55 8.85 0.99
CA GLN B 119 17.60 9.07 -0.46
C GLN B 119 19.04 8.78 -0.96
N VAL B 120 19.93 8.42 -0.02
CA VAL B 120 21.31 7.97 -0.30
C VAL B 120 21.26 6.70 -1.18
N PRO B 121 21.58 6.84 -2.48
CA PRO B 121 21.34 5.77 -3.45
C PRO B 121 22.39 4.67 -3.39
N VAL B 122 22.15 3.57 -4.11
CA VAL B 122 23.17 2.55 -4.32
C VAL B 122 24.29 3.15 -5.22
N LYS B 123 25.52 3.06 -4.71
CA LYS B 123 26.68 3.77 -5.24
C LYS B 123 26.96 3.27 -6.63
N HIS B 124 27.06 4.19 -7.57
CA HIS B 124 27.38 3.84 -8.93
C HIS B 124 28.89 3.70 -9.05
N VAL B 125 29.34 2.59 -9.63
CA VAL B 125 30.73 2.46 -10.01
C VAL B 125 30.82 2.86 -11.45
N TYR B 126 32.01 3.26 -11.88
CA TYR B 126 32.20 3.70 -13.24
C TYR B 126 33.38 2.99 -13.86
N ARG B 127 33.53 3.19 -15.16
CA ARG B 127 34.66 2.72 -15.94
C ARG B 127 34.83 3.64 -17.12
N VAL B 128 36.06 3.77 -17.59
CA VAL B 128 36.37 4.61 -18.71
C VAL B 128 36.91 3.74 -19.83
N LEU B 129 36.08 3.50 -20.83
CA LEU B 129 36.46 2.69 -21.98
C LEU B 129 37.26 3.53 -22.96
N GLN B 130 37.99 2.83 -23.83
CA GLN B 130 38.70 3.48 -24.92
C GLN B 130 38.58 2.62 -26.17
N CYS B 131 38.32 3.25 -27.30
CA CYS B 131 38.33 2.56 -28.57
C CYS B 131 38.53 3.53 -29.73
N GLN B 132 38.80 2.95 -30.89
CA GLN B 132 38.91 3.73 -32.12
C GLN B 132 37.57 3.83 -32.82
N GLU B 133 37.53 4.64 -33.88
CA GLU B 133 36.27 4.95 -34.56
C GLU B 133 35.63 3.66 -35.05
N GLU B 134 36.39 2.93 -35.87
CA GLU B 134 35.96 1.68 -36.50
C GLU B 134 35.10 0.75 -35.65
N GLU B 135 35.49 0.56 -34.38
CA GLU B 135 34.84 -0.41 -33.50
C GLU B 135 33.95 0.26 -32.44
N LEU B 136 33.50 1.48 -32.75
CA LEU B 136 32.73 2.29 -31.80
C LEU B 136 31.27 1.82 -31.74
N THR B 137 30.63 1.73 -32.90
CA THR B 137 29.27 1.17 -33.02
C THR B 137 29.22 -0.21 -32.37
N GLN B 138 30.21 -1.04 -32.70
CA GLN B 138 30.38 -2.36 -32.12
C GLN B 138 30.48 -2.29 -30.59
N MET B 139 31.47 -1.56 -30.09
CA MET B 139 31.67 -1.37 -28.65
C MET B 139 30.35 -1.10 -27.92
N VAL B 140 29.56 -0.19 -28.49
CA VAL B 140 28.35 0.34 -27.84
C VAL B 140 27.22 -0.71 -27.77
N SER B 141 26.93 -1.30 -28.92
CA SER B 141 25.84 -2.27 -29.04
C SER B 141 26.10 -3.53 -28.22
N THR B 142 27.35 -3.97 -28.25
CA THR B 142 27.80 -5.19 -27.56
C THR B 142 27.78 -5.08 -26.03
N MET B 143 27.72 -3.85 -25.53
CA MET B 143 27.86 -3.57 -24.09
C MET B 143 27.31 -4.61 -23.13
N SER B 144 28.17 -5.03 -22.21
CA SER B 144 27.88 -6.09 -21.25
C SER B 144 26.63 -5.80 -20.42
N ASP B 145 26.33 -6.75 -19.53
CA ASP B 145 25.09 -6.77 -18.72
C ASP B 145 25.10 -5.70 -17.62
N GLY B 146 24.07 -4.86 -17.62
CA GLY B 146 23.85 -3.87 -16.54
C GLY B 146 24.49 -2.50 -16.74
N TRP B 147 25.42 -2.40 -17.68
CA TRP B 147 26.19 -1.17 -17.85
C TRP B 147 25.43 -0.16 -18.70
N LYS B 148 25.27 1.06 -18.20
CA LYS B 148 24.56 2.14 -18.89
C LYS B 148 25.56 3.11 -19.52
N PHE B 149 25.08 3.94 -20.44
CA PHE B 149 25.98 4.84 -21.19
C PHE B 149 25.79 6.28 -20.74
N GLU B 150 26.91 6.93 -20.44
CA GLU B 150 26.88 8.26 -19.86
C GLU B 150 27.39 9.25 -20.88
N GLN B 151 28.58 8.99 -21.42
CA GLN B 151 29.12 9.91 -22.42
C GLN B 151 30.30 9.30 -23.16
N LEU B 152 30.59 9.84 -24.33
CA LEU B 152 31.85 9.56 -24.99
C LEU B 152 32.43 10.88 -25.47
N VAL B 153 33.70 10.87 -25.80
CA VAL B 153 34.41 12.09 -26.20
C VAL B 153 35.51 11.75 -27.21
N SER B 154 35.82 12.71 -28.06
CA SER B 154 36.93 12.53 -28.99
C SER B 154 38.24 12.72 -28.22
N ILE B 155 39.30 12.21 -28.82
CA ILE B 155 40.67 12.62 -28.51
C ILE B 155 41.29 13.06 -29.83
N GLY B 156 40.51 13.80 -30.64
CA GLY B 156 41.02 14.42 -31.87
C GLY B 156 41.23 13.49 -33.06
N SER B 157 40.56 13.79 -34.19
CA SER B 157 40.57 12.92 -35.38
C SER B 157 41.41 13.49 -36.55
N SER B 158 42.73 13.43 -36.38
CA SER B 158 43.67 13.96 -37.37
C SER B 158 43.75 13.06 -38.59
N GLU B 164 52.44 5.88 -33.66
CA GLU B 164 51.86 6.62 -32.54
C GLU B 164 50.33 6.39 -32.51
N ASP B 165 49.89 5.49 -31.62
CA ASP B 165 48.46 5.14 -31.52
C ASP B 165 47.71 6.07 -30.58
N GLN B 166 48.04 5.99 -29.28
CA GLN B 166 47.24 6.56 -28.19
C GLN B 166 45.71 6.42 -28.45
N ALA B 167 44.90 7.31 -27.89
CA ALA B 167 43.44 7.25 -28.05
C ALA B 167 42.97 7.69 -29.44
N GLU B 168 41.73 7.34 -29.75
CA GLU B 168 40.96 7.99 -30.81
C GLU B 168 39.67 8.53 -30.19
N PHE B 169 38.99 7.70 -29.40
CA PHE B 169 37.87 8.15 -28.59
C PHE B 169 37.99 7.58 -27.20
N LEU B 170 37.50 8.33 -26.22
CA LEU B 170 37.33 7.81 -24.87
C LEU B 170 35.86 7.65 -24.70
N CYS B 171 35.40 7.26 -23.51
CA CYS B 171 33.98 6.99 -23.32
C CYS B 171 33.64 6.44 -21.94
N VAL B 172 32.79 7.16 -21.22
CA VAL B 172 32.35 6.78 -19.86
C VAL B 172 31.10 5.88 -19.86
N VAL B 173 30.98 5.04 -18.82
CA VAL B 173 29.80 4.18 -18.62
C VAL B 173 29.56 3.79 -17.15
N SER B 174 28.30 3.67 -16.75
CA SER B 174 27.96 3.47 -15.32
C SER B 174 27.29 2.15 -15.04
N LYS B 175 27.23 1.81 -13.76
CA LYS B 175 26.58 0.60 -13.35
C LYS B 175 26.06 0.79 -11.94
N GLU B 176 24.92 0.18 -11.66
CA GLU B 176 24.39 0.13 -10.30
C GLU B 176 24.99 -1.07 -9.52
N LEU B 177 25.02 -0.97 -8.19
CA LEU B 177 25.64 -2.01 -7.33
C LEU B 177 24.87 -2.31 -6.03
N HIS B 178 23.59 -2.66 -6.14
CA HIS B 178 22.70 -2.62 -4.98
C HIS B 178 22.91 -3.78 -3.94
N SER C 1 -15.06 -39.27 32.51
CA SER C 1 -13.78 -39.89 32.04
C SER C 1 -14.04 -40.83 30.85
N ALA C 2 -14.03 -40.28 29.63
CA ALA C 2 -14.44 -40.97 28.37
C ALA C 2 -14.99 -42.40 28.57
N LEU C 3 -16.32 -42.52 28.57
CA LEU C 3 -17.00 -43.82 28.46
C LEU C 3 -17.00 -44.17 26.97
N ALA C 4 -17.37 -43.18 26.17
CA ALA C 4 -17.24 -43.24 24.74
C ALA C 4 -17.23 -41.79 24.28
N GLN C 5 -16.92 -41.54 23.01
CA GLN C 5 -16.78 -40.17 22.52
C GLN C 5 -18.14 -39.45 22.41
N ARG C 6 -18.18 -38.30 21.74
CA ARG C 6 -19.35 -37.43 21.76
C ARG C 6 -20.14 -37.46 20.44
N PRO C 7 -21.47 -37.33 20.51
CA PRO C 7 -22.39 -37.39 19.37
C PRO C 7 -21.93 -36.72 18.05
N GLY C 8 -21.07 -35.72 18.12
CA GLY C 8 -20.62 -35.02 16.92
C GLY C 8 -19.25 -35.44 16.45
N SER C 9 -18.68 -36.40 17.16
CA SER C 9 -17.26 -36.74 17.05
C SER C 9 -16.84 -37.03 15.64
N VAL C 10 -17.79 -37.26 14.73
CA VAL C 10 -17.49 -37.57 13.30
C VAL C 10 -18.17 -36.66 12.25
N SER C 11 -19.10 -35.81 12.70
CA SER C 11 -19.81 -34.81 11.87
C SER C 11 -19.15 -34.40 10.56
N LYS C 12 -19.96 -34.01 9.60
CA LYS C 12 -19.47 -33.51 8.30
C LYS C 12 -18.79 -32.15 8.47
N TRP C 13 -19.46 -31.28 9.21
CA TRP C 13 -19.06 -29.89 9.43
C TRP C 13 -18.39 -29.77 10.78
N VAL C 14 -17.20 -29.19 10.77
CA VAL C 14 -16.39 -29.05 11.97
C VAL C 14 -16.21 -27.56 12.27
N ARG C 15 -16.36 -27.22 13.57
CA ARG C 15 -16.18 -25.84 14.05
C ARG C 15 -14.82 -25.73 14.73
N LEU C 16 -13.94 -24.88 14.20
CA LEU C 16 -12.66 -24.62 14.85
C LEU C 16 -12.72 -23.29 15.57
N ASN C 17 -12.00 -23.18 16.68
CA ASN C 17 -11.95 -21.98 17.53
C ASN C 17 -10.53 -21.50 17.52
N VAL C 18 -10.02 -21.19 16.34
CA VAL C 18 -8.61 -20.87 16.13
C VAL C 18 -8.27 -19.58 16.83
N GLY C 19 -7.95 -19.70 18.12
CA GLY C 19 -7.49 -18.61 18.96
C GLY C 19 -8.53 -17.58 19.34
N GLY C 20 -9.79 -17.80 18.99
CA GLY C 20 -10.84 -16.86 19.34
C GLY C 20 -11.95 -16.67 18.33
N THR C 21 -11.56 -16.46 17.08
CA THR C 21 -12.55 -16.27 16.04
C THR C 21 -12.86 -17.62 15.40
N TYR C 22 -14.07 -18.13 15.69
CA TYR C 22 -14.51 -19.46 15.25
C TYR C 22 -14.50 -19.57 13.74
N PHE C 23 -14.02 -20.71 13.24
CA PHE C 23 -14.04 -21.01 11.79
C PHE C 23 -15.01 -22.16 11.49
N LEU C 24 -15.44 -22.25 10.24
CA LEU C 24 -16.32 -23.33 9.78
C LEU C 24 -15.74 -24.05 8.58
N THR C 25 -15.76 -25.38 8.63
CA THR C 25 -15.33 -26.16 7.50
C THR C 25 -15.74 -27.60 7.67
N THR C 26 -15.76 -28.32 6.55
CA THR C 26 -16.14 -29.71 6.55
C THR C 26 -14.97 -30.59 6.92
N ARG C 27 -15.23 -31.51 7.83
CA ARG C 27 -14.20 -32.44 8.28
C ARG C 27 -13.33 -32.91 7.12
N GLN C 28 -13.92 -33.15 5.96
CA GLN C 28 -13.16 -33.77 4.90
C GLN C 28 -12.10 -32.85 4.30
N THR C 29 -12.21 -31.55 4.55
CA THR C 29 -11.19 -30.64 4.04
C THR C 29 -9.90 -30.91 4.78
N LEU C 30 -10.03 -31.20 6.05
CA LEU C 30 -8.88 -31.50 6.88
C LEU C 30 -8.12 -32.78 6.43
N CYS C 31 -8.75 -33.65 5.63
CA CYS C 31 -8.09 -34.86 5.15
C CYS C 31 -7.36 -34.64 3.83
N ARG C 32 -6.86 -33.44 3.57
CA ARG C 32 -6.10 -33.21 2.33
C ARG C 32 -4.62 -33.62 2.46
N ASP C 33 -3.99 -33.29 3.59
CA ASP C 33 -2.58 -33.63 3.82
C ASP C 33 -2.52 -34.42 5.14
N PRO C 34 -2.38 -35.75 5.05
CA PRO C 34 -2.47 -36.65 6.20
C PRO C 34 -1.28 -36.70 7.16
N LYS C 35 -0.41 -35.69 7.13
CA LYS C 35 0.60 -35.53 8.17
C LYS C 35 0.38 -34.27 9.05
N SER C 36 -0.69 -33.52 8.78
CA SER C 36 -0.99 -32.32 9.54
C SER C 36 -1.62 -32.62 10.89
N PHE C 37 -1.32 -31.78 11.89
CA PHE C 37 -2.03 -31.85 13.19
C PHE C 37 -3.51 -32.03 12.91
N LEU C 38 -4.04 -31.23 11.98
CA LEU C 38 -5.48 -31.19 11.69
C LEU C 38 -6.04 -32.51 11.18
N TYR C 39 -5.19 -33.32 10.56
CA TYR C 39 -5.60 -34.64 10.10
C TYR C 39 -6.14 -35.51 11.24
N ARG C 40 -5.79 -35.14 12.47
CA ARG C 40 -6.36 -35.81 13.62
C ARG C 40 -7.87 -35.57 13.65
N LEU C 41 -8.29 -34.33 13.43
CA LEU C 41 -9.71 -33.99 13.41
C LEU C 41 -10.41 -34.87 12.39
N CYS C 42 -9.83 -34.97 11.21
CA CYS C 42 -10.36 -35.77 10.11
C CYS C 42 -10.70 -37.19 10.52
N GLN C 43 -9.93 -37.72 11.46
CA GLN C 43 -10.03 -39.10 11.88
C GLN C 43 -10.56 -39.18 13.28
N ALA C 44 -11.53 -38.34 13.64
CA ALA C 44 -12.30 -38.52 14.89
C ALA C 44 -11.49 -38.69 16.19
N ASP C 45 -10.27 -38.16 16.21
CA ASP C 45 -9.30 -38.56 17.22
C ASP C 45 -9.81 -38.35 18.65
N PRO C 46 -9.81 -39.41 19.46
CA PRO C 46 -10.36 -39.28 20.81
C PRO C 46 -9.49 -38.46 21.77
N ASP C 47 -8.29 -38.08 21.35
CA ASP C 47 -7.41 -37.28 22.19
C ASP C 47 -7.83 -35.81 22.19
N LEU C 48 -8.70 -35.46 21.25
CA LEU C 48 -9.17 -34.09 21.09
C LEU C 48 -10.42 -33.75 21.88
N ASP C 49 -11.05 -34.73 22.52
CA ASP C 49 -12.32 -34.51 23.21
C ASP C 49 -12.14 -33.80 24.56
N SER C 50 -10.94 -33.26 24.81
CA SER C 50 -10.69 -32.33 25.94
C SER C 50 -10.12 -30.97 25.46
N ASP C 51 -9.93 -30.82 24.15
CA ASP C 51 -9.62 -29.53 23.54
C ASP C 51 -10.77 -29.14 22.60
N LYS C 52 -11.96 -29.57 23.01
CA LYS C 52 -13.22 -29.14 22.43
C LYS C 52 -14.03 -28.57 23.58
N ASP C 53 -14.91 -27.61 23.25
CA ASP C 53 -15.45 -26.65 24.24
C ASP C 53 -16.91 -26.88 24.67
N GLU C 54 -17.75 -25.85 24.51
CA GLU C 54 -19.17 -25.92 24.77
C GLU C 54 -19.94 -26.05 23.46
N THR C 55 -19.64 -25.19 22.49
CA THR C 55 -20.22 -25.31 21.12
C THR C 55 -19.81 -26.58 20.35
N GLY C 56 -18.89 -27.40 20.90
CA GLY C 56 -18.31 -28.52 20.17
C GLY C 56 -17.29 -28.05 19.12
N ALA C 57 -16.73 -26.87 19.34
CA ALA C 57 -15.63 -26.40 18.50
C ALA C 57 -14.35 -27.02 19.01
N TYR C 58 -13.38 -27.15 18.10
CA TYR C 58 -12.06 -27.59 18.46
C TYR C 58 -11.30 -26.36 18.80
N LEU C 59 -10.47 -26.42 19.82
CA LEU C 59 -9.70 -25.27 20.28
C LEU C 59 -8.29 -25.29 19.69
N ILE C 60 -7.66 -24.14 19.59
CA ILE C 60 -6.33 -24.06 19.00
C ILE C 60 -5.64 -22.78 19.47
N ASP C 61 -4.65 -22.91 20.33
CA ASP C 61 -3.91 -21.76 20.80
C ASP C 61 -2.96 -21.27 19.70
N ARG C 62 -3.55 -20.71 18.65
CA ARG C 62 -2.82 -20.12 17.51
C ARG C 62 -3.61 -18.94 16.89
N ASP C 63 -2.99 -18.21 15.99
CA ASP C 63 -3.52 -16.91 15.55
C ASP C 63 -4.59 -16.93 14.45
N PRO C 64 -5.87 -16.72 14.83
CA PRO C 64 -6.94 -16.83 13.83
C PRO C 64 -6.67 -16.03 12.56
N THR C 65 -6.06 -14.87 12.68
CA THR C 65 -5.84 -14.04 11.51
C THR C 65 -5.04 -14.82 10.47
N TYR C 66 -3.93 -15.39 10.89
CA TYR C 66 -2.99 -16.00 9.95
C TYR C 66 -3.47 -17.34 9.41
N PHE C 67 -4.25 -18.03 10.24
CA PHE C 67 -4.80 -19.34 9.92
C PHE C 67 -5.54 -19.40 8.56
N GLY C 68 -6.22 -18.32 8.18
CA GLY C 68 -7.09 -18.32 7.03
C GLY C 68 -6.45 -18.91 5.78
N PRO C 69 -5.48 -18.19 5.18
CA PRO C 69 -4.72 -18.67 4.04
C PRO C 69 -4.46 -20.18 4.07
N VAL C 70 -4.03 -20.70 5.22
CA VAL C 70 -3.89 -22.15 5.43
C VAL C 70 -5.19 -22.88 5.13
N LEU C 71 -6.25 -22.56 5.85
CA LEU C 71 -7.50 -23.31 5.70
C LEU C 71 -8.00 -23.23 4.28
N ASN C 72 -7.81 -22.07 3.64
CA ASN C 72 -8.09 -21.96 2.23
C ASN C 72 -7.26 -22.94 1.41
N TYR C 73 -5.94 -22.94 1.59
CA TYR C 73 -5.07 -23.88 0.88
C TYR C 73 -5.60 -25.31 0.95
N LEU C 74 -5.95 -25.74 2.16
CA LEU C 74 -6.58 -27.04 2.32
C LEU C 74 -7.83 -27.15 1.45
N ARG C 75 -8.65 -26.10 1.40
CA ARG C 75 -9.87 -26.09 0.57
C ARG C 75 -9.71 -26.31 -0.94
N HIS C 76 -8.63 -25.81 -1.55
CA HIS C 76 -8.48 -25.83 -3.02
C HIS C 76 -7.04 -25.92 -3.55
N GLY C 77 -6.06 -26.09 -2.66
CA GLY C 77 -4.66 -26.22 -3.09
C GLY C 77 -4.07 -24.98 -3.76
N LYS C 78 -4.33 -23.81 -3.19
CA LYS C 78 -3.84 -22.53 -3.72
C LYS C 78 -3.38 -21.63 -2.59
N LEU C 79 -2.46 -20.71 -2.91
CA LEU C 79 -1.95 -19.76 -1.92
C LEU C 79 -2.70 -18.43 -2.02
N VAL C 80 -3.44 -18.08 -0.98
CA VAL C 80 -4.13 -16.79 -0.92
C VAL C 80 -3.68 -15.98 0.28
N ILE C 81 -3.03 -14.85 0.00
CA ILE C 81 -2.65 -13.89 1.03
C ILE C 81 -3.07 -12.48 0.59
N ASN C 82 -3.95 -11.87 1.37
CA ASN C 82 -4.28 -10.45 1.24
C ASN C 82 -2.96 -9.68 1.29
N LYS C 83 -2.95 -8.43 0.84
CA LYS C 83 -1.67 -7.71 0.70
C LYS C 83 -1.13 -7.16 2.03
N ASP C 84 -1.96 -7.14 3.08
CA ASP C 84 -1.50 -6.67 4.38
C ASP C 84 -1.07 -7.79 5.36
N LEU C 85 -1.53 -9.04 5.19
CA LEU C 85 -1.02 -10.14 6.05
C LEU C 85 0.49 -10.35 5.85
N ALA C 86 1.19 -10.68 6.94
CA ALA C 86 2.65 -10.84 6.89
C ALA C 86 3.04 -12.30 6.65
N GLU C 87 3.65 -12.58 5.50
CA GLU C 87 3.89 -13.97 5.09
C GLU C 87 4.67 -14.84 6.11
N GLU C 88 5.51 -14.23 6.96
CA GLU C 88 6.28 -15.01 7.95
C GLU C 88 5.39 -15.61 9.04
N GLY C 89 4.33 -14.90 9.42
CA GLY C 89 3.33 -15.43 10.35
C GLY C 89 2.46 -16.50 9.72
N VAL C 90 2.50 -16.56 8.38
CA VAL C 90 1.87 -17.64 7.61
C VAL C 90 2.78 -18.86 7.61
N LEU C 91 4.08 -18.61 7.63
CA LEU C 91 5.04 -19.69 7.70
C LEU C 91 4.89 -20.33 9.06
N GLU C 92 5.09 -19.54 10.11
CA GLU C 92 4.93 -20.01 11.49
C GLU C 92 3.67 -20.83 11.78
N GLU C 93 2.57 -20.54 11.08
CA GLU C 93 1.34 -21.32 11.18
C GLU C 93 1.37 -22.57 10.31
N ALA C 94 2.00 -22.47 9.14
CA ALA C 94 2.18 -23.62 8.24
C ALA C 94 3.00 -24.73 8.91
N GLU C 95 4.04 -24.34 9.63
CA GLU C 95 4.87 -25.27 10.36
C GLU C 95 4.10 -25.86 11.52
N PHE C 96 3.51 -25.02 12.36
CA PHE C 96 2.81 -25.52 13.54
C PHE C 96 1.78 -26.61 13.20
N TYR C 97 0.97 -26.36 12.17
CA TYR C 97 -0.04 -27.33 11.78
C TYR C 97 0.58 -28.50 11.02
N ASN C 98 1.74 -28.25 10.41
CA ASN C 98 2.48 -29.25 9.66
C ASN C 98 1.81 -29.62 8.36
N ILE C 99 2.05 -28.80 7.36
CA ILE C 99 1.56 -29.03 6.02
C ILE C 99 2.79 -28.93 5.15
N THR C 100 3.40 -30.08 4.85
CA THR C 100 4.70 -30.11 4.16
C THR C 100 4.66 -29.47 2.78
N SER C 101 3.57 -29.72 2.05
CA SER C 101 3.35 -29.11 0.74
C SER C 101 3.32 -27.57 0.80
N LEU C 102 2.43 -27.04 1.63
CA LEU C 102 2.24 -25.59 1.77
C LEU C 102 3.55 -24.88 2.10
N ILE C 103 4.21 -25.35 3.14
CA ILE C 103 5.40 -24.70 3.69
C ILE C 103 6.41 -24.41 2.59
N LYS C 104 6.50 -25.29 1.61
CA LYS C 104 7.35 -25.09 0.44
C LYS C 104 6.94 -23.80 -0.31
N LEU C 105 5.63 -23.65 -0.53
CA LEU C 105 5.07 -22.52 -1.29
C LEU C 105 5.17 -21.20 -0.54
N VAL C 106 4.97 -21.20 0.78
CA VAL C 106 5.12 -19.96 1.56
C VAL C 106 6.55 -19.44 1.40
N LYS C 107 7.52 -20.32 1.62
CA LYS C 107 8.92 -19.92 1.56
C LYS C 107 9.39 -19.64 0.12
N ASP C 108 8.59 -20.08 -0.86
CA ASP C 108 8.75 -19.62 -2.23
C ASP C 108 8.39 -18.13 -2.30
N LYS C 109 7.16 -17.80 -1.91
CA LYS C 109 6.72 -16.39 -1.79
C LYS C 109 7.78 -15.51 -1.15
N ILE C 110 8.25 -15.92 0.04
CA ILE C 110 9.15 -15.09 0.85
C ILE C 110 10.42 -14.70 0.09
N ARG C 111 10.92 -15.62 -0.75
CA ARG C 111 12.01 -15.31 -1.67
C ARG C 111 11.51 -14.47 -2.83
N GLU C 112 10.45 -14.95 -3.49
CA GLU C 112 9.82 -14.26 -4.63
C GLU C 112 9.72 -12.74 -4.48
N ARG C 113 9.51 -12.25 -3.25
CA ARG C 113 9.39 -10.81 -2.99
C ARG C 113 10.67 -10.14 -2.46
N ASP C 114 11.59 -10.94 -1.92
CA ASP C 114 12.96 -10.45 -1.62
C ASP C 114 13.78 -10.45 -2.92
N SER C 115 13.31 -11.23 -3.89
CA SER C 115 13.73 -11.12 -5.28
C SER C 115 13.09 -9.88 -5.92
N LYS C 116 11.76 -9.78 -5.81
CA LYS C 116 10.93 -8.75 -6.48
C LYS C 116 11.52 -7.34 -6.48
N THR C 117 12.15 -6.94 -5.38
CA THR C 117 12.82 -5.65 -5.31
C THR C 117 14.16 -5.69 -6.05
N SER C 118 14.92 -6.77 -5.81
CA SER C 118 16.24 -6.94 -6.41
C SER C 118 16.18 -7.00 -7.93
N GLN C 119 17.08 -6.24 -8.54
CA GLN C 119 17.16 -6.05 -9.98
C GLN C 119 18.32 -5.13 -10.32
N VAL C 120 18.82 -5.26 -11.54
CA VAL C 120 19.38 -4.12 -12.24
C VAL C 120 18.24 -3.80 -13.22
N PRO C 121 17.77 -2.53 -13.25
CA PRO C 121 16.55 -2.23 -14.00
C PRO C 121 16.83 -1.99 -15.47
N VAL C 122 15.83 -2.24 -16.32
CA VAL C 122 15.84 -1.82 -17.72
C VAL C 122 17.20 -1.97 -18.45
N LYS C 123 17.43 -3.15 -19.02
CA LYS C 123 18.64 -3.45 -19.77
C LYS C 123 18.72 -2.65 -21.08
N HIS C 124 19.12 -1.38 -20.99
CA HIS C 124 19.08 -0.49 -22.17
C HIS C 124 19.96 -1.01 -23.30
N VAL C 125 19.49 -0.87 -24.54
CA VAL C 125 20.29 -1.19 -25.74
C VAL C 125 20.61 0.10 -26.50
N TYR C 126 21.81 0.16 -27.06
CA TYR C 126 22.34 1.39 -27.67
C TYR C 126 22.66 1.18 -29.14
N ARG C 127 22.59 2.24 -29.94
CA ARG C 127 22.93 2.18 -31.39
C ARG C 127 23.62 3.46 -31.87
N VAL C 128 24.66 3.32 -32.69
CA VAL C 128 25.38 4.49 -33.19
C VAL C 128 25.02 4.78 -34.63
N LEU C 129 24.18 5.79 -34.81
CA LEU C 129 23.78 6.24 -36.13
C LEU C 129 24.79 7.25 -36.66
N GLN C 130 25.06 7.19 -37.96
CA GLN C 130 26.05 8.04 -38.58
C GLN C 130 25.43 8.68 -39.82
N CYS C 131 25.69 9.98 -40.01
CA CYS C 131 25.16 10.72 -41.15
C CYS C 131 25.97 12.00 -41.40
N GLN C 132 25.73 12.63 -42.56
CA GLN C 132 26.27 13.96 -42.82
C GLN C 132 25.36 15.02 -42.18
N GLU C 133 25.81 16.27 -42.20
CA GLU C 133 25.05 17.39 -41.62
C GLU C 133 23.75 17.61 -42.40
N GLU C 134 23.89 17.72 -43.73
CA GLU C 134 22.78 17.97 -44.66
C GLU C 134 21.54 17.15 -44.41
N GLU C 135 21.70 16.04 -43.69
CA GLU C 135 20.59 15.19 -43.28
C GLU C 135 20.57 14.97 -41.78
N LEU C 136 21.18 15.87 -41.02
CA LEU C 136 21.19 15.69 -39.56
C LEU C 136 19.78 15.92 -39.01
N THR C 137 19.18 17.05 -39.38
CA THR C 137 17.84 17.38 -38.93
C THR C 137 16.94 16.20 -39.20
N GLN C 138 17.03 15.69 -40.44
CA GLN C 138 16.27 14.53 -40.90
C GLN C 138 16.48 13.32 -40.02
N MET C 139 17.72 12.86 -39.90
CA MET C 139 18.06 11.69 -39.07
C MET C 139 17.49 11.76 -37.64
N VAL C 140 17.46 12.95 -37.06
CA VAL C 140 17.06 13.15 -35.66
C VAL C 140 15.55 13.11 -35.49
N SER C 141 14.83 13.75 -36.40
CA SER C 141 13.37 13.79 -36.35
C SER C 141 12.75 12.49 -36.86
N THR C 142 13.44 11.78 -37.74
CA THR C 142 12.98 10.47 -38.23
C THR C 142 13.69 9.31 -37.54
N MET C 143 13.84 9.40 -36.23
CA MET C 143 14.25 8.25 -35.42
C MET C 143 13.08 7.31 -35.32
N SER C 144 13.35 6.06 -34.94
CA SER C 144 12.27 5.11 -34.74
C SER C 144 11.57 5.34 -33.42
N ASP C 145 10.40 4.72 -33.29
CA ASP C 145 9.51 4.89 -32.15
C ASP C 145 10.08 4.23 -30.90
N GLY C 146 10.13 4.99 -29.80
CA GLY C 146 10.65 4.50 -28.52
C GLY C 146 12.07 4.96 -28.25
N TRP C 147 12.90 4.98 -29.29
CA TRP C 147 14.31 5.26 -29.14
C TRP C 147 14.52 6.70 -28.67
N LYS C 148 15.47 6.90 -27.73
CA LYS C 148 15.86 8.23 -27.25
C LYS C 148 17.26 8.67 -27.70
N PHE C 149 17.46 9.98 -27.65
CA PHE C 149 18.72 10.65 -27.96
C PHE C 149 19.63 10.64 -26.74
N GLU C 150 20.82 10.06 -26.88
CA GLU C 150 21.78 9.97 -25.78
C GLU C 150 22.86 11.04 -25.91
N GLN C 151 23.45 11.11 -27.09
CA GLN C 151 24.44 12.11 -27.41
C GLN C 151 24.69 11.99 -28.88
N LEU C 152 25.19 13.07 -29.47
CA LEU C 152 25.77 13.02 -30.79
C LEU C 152 27.09 13.72 -30.62
N VAL C 153 27.99 13.59 -31.60
CA VAL C 153 29.33 14.17 -31.49
C VAL C 153 29.83 14.46 -32.88
N SER C 154 30.44 15.63 -33.08
CA SER C 154 30.97 15.97 -34.39
C SER C 154 32.09 14.99 -34.76
N ILE C 155 32.43 14.97 -36.05
CA ILE C 155 33.63 14.31 -36.56
C ILE C 155 34.19 15.20 -37.67
N GLY C 156 34.88 16.28 -37.27
CA GLY C 156 35.47 17.22 -38.21
C GLY C 156 34.52 18.37 -38.55
N SER C 157 34.89 19.57 -38.04
CA SER C 157 34.10 20.78 -38.29
C SER C 157 34.99 21.95 -38.78
N SER C 158 34.92 22.21 -40.08
CA SER C 158 35.62 23.33 -40.71
C SER C 158 35.90 23.06 -42.20
N TYR C 159 34.80 22.90 -42.95
CA TYR C 159 34.83 22.48 -44.36
C TYR C 159 35.36 21.05 -44.53
N ASN C 160 35.75 20.67 -45.75
CA ASN C 160 36.01 19.26 -46.05
C ASN C 160 37.50 18.85 -46.09
N TYR C 161 37.76 17.97 -47.14
CA TYR C 161 39.12 17.60 -47.50
C TYR C 161 39.34 17.77 -49.01
N GLY C 162 38.90 16.77 -49.78
CA GLY C 162 38.98 16.82 -51.24
C GLY C 162 37.60 16.70 -51.87
N ASN C 163 37.57 16.12 -53.10
CA ASN C 163 36.29 15.92 -53.79
C ASN C 163 35.50 14.75 -53.19
N GLU C 164 35.78 14.43 -51.93
CA GLU C 164 35.05 13.41 -51.18
C GLU C 164 35.29 13.57 -49.68
N ASP C 165 35.24 12.45 -48.95
CA ASP C 165 35.62 12.47 -47.53
C ASP C 165 34.58 11.85 -46.59
N GLN C 166 35.02 11.60 -45.36
CA GLN C 166 34.19 10.91 -44.35
C GLN C 166 32.92 11.68 -44.01
N ALA C 167 31.94 10.97 -43.47
CA ALA C 167 30.61 11.53 -43.20
C ALA C 167 30.68 12.93 -42.60
N GLU C 168 30.67 12.99 -41.26
CA GLU C 168 30.66 14.29 -40.59
C GLU C 168 30.16 14.19 -39.16
N PHE C 169 29.19 13.32 -38.90
CA PHE C 169 28.63 13.13 -37.56
C PHE C 169 28.46 11.68 -37.16
N LEU C 170 28.51 11.45 -35.85
CA LEU C 170 27.92 10.28 -35.24
C LEU C 170 26.67 10.73 -34.56
N CYS C 171 25.97 9.76 -33.96
CA CYS C 171 24.93 10.02 -32.98
C CYS C 171 24.62 8.72 -32.29
N VAL C 172 24.79 8.68 -30.98
CA VAL C 172 24.38 7.53 -30.20
C VAL C 172 22.96 7.71 -29.70
N VAL C 173 22.15 6.69 -29.89
CA VAL C 173 20.75 6.69 -29.45
C VAL C 173 20.40 5.36 -28.75
N SER C 174 19.49 5.42 -27.80
CA SER C 174 19.17 4.27 -26.96
C SER C 174 17.74 3.78 -27.12
N LYS C 175 17.44 2.67 -26.45
CA LYS C 175 16.07 2.22 -26.29
C LYS C 175 15.97 1.39 -25.05
N GLU C 176 14.80 1.41 -24.43
CA GLU C 176 14.54 0.62 -23.23
C GLU C 176 14.48 -0.89 -23.58
N LEU C 177 14.16 -1.73 -22.60
CA LEU C 177 13.98 -3.18 -22.85
C LEU C 177 13.16 -3.84 -21.72
N HIS C 178 11.94 -3.33 -21.51
CA HIS C 178 11.11 -3.80 -20.39
C HIS C 178 10.51 -5.18 -20.64
N ALA D 2 -48.08 -23.33 20.72
CA ALA D 2 -48.30 -23.87 19.35
C ALA D 2 -49.38 -23.07 18.62
N LEU D 3 -49.04 -22.57 17.42
CA LEU D 3 -49.94 -21.71 16.64
C LEU D 3 -50.18 -22.25 15.20
N ALA D 4 -49.32 -21.87 14.25
CA ALA D 4 -49.51 -22.25 12.83
C ALA D 4 -48.21 -22.25 11.99
N GLN D 5 -47.51 -21.11 11.97
CA GLN D 5 -46.28 -21.00 11.18
C GLN D 5 -45.30 -19.92 11.76
N ARG D 6 -44.11 -19.84 11.16
CA ARG D 6 -43.00 -19.01 11.69
C ARG D 6 -43.06 -17.55 11.22
N PRO D 7 -43.22 -16.57 12.16
CA PRO D 7 -43.11 -15.16 11.77
C PRO D 7 -41.73 -14.86 11.16
N GLY D 8 -41.47 -15.46 10.00
CA GLY D 8 -40.13 -15.50 9.39
C GLY D 8 -39.68 -16.81 8.71
N SER D 9 -40.60 -17.74 8.40
CA SER D 9 -40.27 -18.96 7.61
C SER D 9 -40.46 -18.70 6.11
N VAL D 10 -41.71 -18.44 5.73
CA VAL D 10 -42.06 -18.01 4.37
C VAL D 10 -41.37 -16.66 4.08
N SER D 11 -40.03 -16.66 4.02
CA SER D 11 -39.25 -15.44 4.12
C SER D 11 -38.49 -15.13 2.84
N LYS D 12 -38.33 -13.84 2.57
CA LYS D 12 -37.55 -13.39 1.42
C LYS D 12 -36.08 -13.46 1.76
N TRP D 13 -35.79 -13.50 3.07
CA TRP D 13 -34.44 -13.28 3.56
C TRP D 13 -33.71 -14.57 3.75
N VAL D 14 -32.46 -14.58 3.31
CA VAL D 14 -31.67 -15.81 3.34
C VAL D 14 -30.28 -15.60 3.97
N ARG D 15 -30.07 -16.25 5.12
CA ARG D 15 -28.80 -16.22 5.87
C ARG D 15 -27.78 -17.27 5.34
N LEU D 16 -26.56 -16.84 5.03
CA LEU D 16 -25.50 -17.78 4.75
C LEU D 16 -24.52 -17.79 5.94
N ASN D 17 -23.93 -18.95 6.26
CA ASN D 17 -22.83 -19.06 7.23
C ASN D 17 -21.54 -19.40 6.49
N VAL D 18 -21.12 -18.48 5.64
CA VAL D 18 -19.99 -18.69 4.75
C VAL D 18 -18.70 -18.75 5.54
N GLY D 19 -17.96 -19.85 5.38
CA GLY D 19 -16.70 -20.08 6.08
C GLY D 19 -16.62 -19.72 7.56
N GLY D 20 -17.74 -19.47 8.24
CA GLY D 20 -17.72 -19.06 9.65
C GLY D 20 -18.15 -17.62 10.01
N THR D 21 -18.36 -16.75 9.02
CA THR D 21 -18.86 -15.37 9.28
C THR D 21 -20.20 -15.11 8.57
N TYR D 22 -21.32 -15.07 9.30
CA TYR D 22 -22.67 -14.97 8.70
C TYR D 22 -22.96 -13.81 7.72
N PHE D 23 -23.56 -14.12 6.56
CA PHE D 23 -23.97 -13.11 5.58
C PHE D 23 -25.48 -13.11 5.41
N LEU D 24 -26.06 -11.93 5.21
CA LEU D 24 -27.50 -11.81 5.00
C LEU D 24 -27.75 -11.26 3.62
N THR D 25 -28.81 -11.79 2.99
CA THR D 25 -29.21 -11.39 1.64
C THR D 25 -30.60 -11.94 1.33
N THR D 26 -31.17 -11.42 0.25
CA THR D 26 -32.52 -11.75 -0.15
C THR D 26 -32.50 -12.83 -1.22
N ARG D 27 -33.51 -13.69 -1.17
CA ARG D 27 -33.65 -14.82 -2.09
C ARG D 27 -33.47 -14.33 -3.51
N GLN D 28 -34.24 -13.31 -3.86
CA GLN D 28 -34.16 -12.61 -5.14
C GLN D 28 -32.76 -12.21 -5.67
N THR D 29 -31.76 -12.16 -4.79
CA THR D 29 -30.38 -11.74 -5.15
C THR D 29 -29.51 -12.91 -5.67
N LEU D 30 -29.65 -14.05 -5.01
CA LEU D 30 -28.86 -15.23 -5.27
C LEU D 30 -29.26 -15.86 -6.59
N CYS D 31 -30.48 -15.55 -7.04
CA CYS D 31 -31.03 -16.11 -8.26
C CYS D 31 -30.61 -15.37 -9.51
N ARG D 32 -29.80 -14.32 -9.38
CA ARG D 32 -29.43 -13.53 -10.55
C ARG D 32 -28.78 -14.34 -11.65
N ASP D 33 -28.09 -15.42 -11.31
CA ASP D 33 -27.51 -16.26 -12.36
C ASP D 33 -27.92 -17.70 -12.14
N PRO D 34 -28.94 -18.15 -12.90
CA PRO D 34 -29.48 -19.51 -12.82
C PRO D 34 -28.47 -20.63 -12.86
N LYS D 35 -27.29 -20.35 -13.42
CA LYS D 35 -26.22 -21.34 -13.53
C LYS D 35 -25.39 -21.53 -12.23
N SER D 36 -25.37 -20.54 -11.35
CA SER D 36 -24.51 -20.58 -10.15
C SER D 36 -24.94 -21.60 -9.13
N PHE D 37 -23.99 -22.00 -8.29
CA PHE D 37 -24.26 -22.85 -7.14
C PHE D 37 -25.33 -22.24 -6.22
N LEU D 38 -25.43 -20.90 -6.20
CA LEU D 38 -26.22 -20.18 -5.17
C LEU D 38 -27.72 -20.25 -5.44
N TYR D 39 -28.02 -20.06 -6.72
CA TYR D 39 -29.31 -20.32 -7.34
C TYR D 39 -30.07 -21.50 -6.73
N ARG D 40 -29.39 -22.48 -6.14
CA ARG D 40 -30.04 -23.62 -5.47
C ARG D 40 -30.60 -23.31 -4.08
N LEU D 41 -29.83 -22.58 -3.28
CA LEU D 41 -30.28 -22.11 -1.96
C LEU D 41 -31.38 -21.06 -2.13
N CYS D 42 -31.24 -20.26 -3.19
CA CYS D 42 -32.29 -19.38 -3.65
C CYS D 42 -33.63 -20.11 -3.74
N GLN D 43 -33.63 -21.26 -4.43
CA GLN D 43 -34.84 -22.01 -4.73
C GLN D 43 -35.16 -23.06 -3.65
N ALA D 44 -34.58 -22.91 -2.46
CA ALA D 44 -34.87 -23.79 -1.30
C ALA D 44 -34.82 -25.26 -1.68
N ASP D 45 -33.62 -25.71 -2.03
CA ASP D 45 -33.42 -27.04 -2.57
C ASP D 45 -33.49 -28.05 -1.42
N PRO D 46 -34.07 -29.25 -1.67
CA PRO D 46 -34.08 -30.32 -0.63
C PRO D 46 -32.73 -31.03 -0.42
N ASP D 47 -31.97 -31.17 -1.50
CA ASP D 47 -30.62 -31.76 -1.44
C ASP D 47 -29.58 -30.84 -0.75
N LEU D 48 -30.03 -29.68 -0.21
CA LEU D 48 -29.23 -28.84 0.69
C LEU D 48 -29.82 -28.66 2.09
N ASP D 49 -30.94 -29.28 2.43
CA ASP D 49 -31.52 -29.07 3.76
C ASP D 49 -30.71 -29.68 4.94
N SER D 50 -29.53 -30.24 4.61
CA SER D 50 -28.58 -30.76 5.61
C SER D 50 -27.29 -29.93 5.68
N ASP D 51 -27.19 -28.90 4.86
CA ASP D 51 -26.08 -27.99 4.95
C ASP D 51 -26.56 -26.70 5.61
N LYS D 52 -27.74 -26.77 6.22
CA LYS D 52 -28.24 -25.67 7.02
C LYS D 52 -27.80 -25.97 8.44
N ASP D 53 -27.75 -24.94 9.28
CA ASP D 53 -27.29 -25.08 10.66
C ASP D 53 -28.41 -24.95 11.71
N GLU D 54 -28.03 -24.85 12.98
CA GLU D 54 -29.01 -24.84 14.06
C GLU D 54 -29.98 -23.64 13.98
N THR D 55 -29.55 -22.59 13.29
CA THR D 55 -30.38 -21.40 13.07
C THR D 55 -30.44 -21.03 11.59
N GLY D 56 -30.99 -21.93 10.78
CA GLY D 56 -31.50 -21.62 9.43
C GLY D 56 -30.55 -21.13 8.33
N ALA D 57 -29.34 -20.72 8.69
CA ALA D 57 -28.44 -20.24 7.70
C ALA D 57 -27.84 -21.44 7.04
N TYR D 58 -27.70 -21.37 5.72
CA TYR D 58 -27.07 -22.42 4.97
C TYR D 58 -25.60 -22.32 5.22
N LEU D 59 -24.89 -23.45 5.08
CA LEU D 59 -23.45 -23.54 5.35
C LEU D 59 -22.65 -23.58 4.07
N ILE D 60 -21.53 -22.87 4.02
CA ILE D 60 -20.63 -22.97 2.86
C ILE D 60 -19.17 -23.01 3.31
N ASP D 61 -18.47 -24.07 2.96
CA ASP D 61 -17.08 -24.16 3.29
C ASP D 61 -16.26 -23.36 2.29
N ARG D 62 -16.35 -22.02 2.33
CA ARG D 62 -15.40 -21.15 1.60
C ARG D 62 -15.09 -19.85 2.34
N ASP D 63 -14.11 -19.07 1.84
CA ASP D 63 -13.58 -17.88 2.57
C ASP D 63 -14.37 -16.58 2.39
N PRO D 64 -15.10 -16.15 3.44
CA PRO D 64 -15.86 -14.90 3.38
C PRO D 64 -15.12 -13.67 2.80
N THR D 65 -13.93 -13.41 3.30
CA THR D 65 -13.09 -12.27 2.91
C THR D 65 -12.87 -12.15 1.37
N TYR D 66 -13.24 -13.19 0.63
CA TYR D 66 -13.27 -13.10 -0.83
C TYR D 66 -14.70 -13.15 -1.34
N PHE D 67 -15.58 -13.82 -0.60
CA PHE D 67 -17.00 -13.92 -0.94
C PHE D 67 -17.56 -12.54 -1.29
N GLY D 68 -17.51 -11.62 -0.32
CA GLY D 68 -17.99 -10.25 -0.48
C GLY D 68 -18.21 -9.90 -1.94
N PRO D 69 -17.16 -9.45 -2.65
CA PRO D 69 -17.27 -9.09 -4.05
C PRO D 69 -18.29 -9.92 -4.79
N VAL D 70 -18.21 -11.24 -4.66
CA VAL D 70 -19.20 -12.13 -5.27
C VAL D 70 -20.57 -11.60 -4.93
N LEU D 71 -20.96 -11.69 -3.67
CA LEU D 71 -22.29 -11.28 -3.29
C LEU D 71 -22.64 -9.84 -3.70
N ASN D 72 -21.64 -9.00 -4.00
CA ASN D 72 -21.93 -7.65 -4.54
C ASN D 72 -22.32 -7.75 -6.00
N TYR D 73 -21.37 -8.09 -6.87
CA TYR D 73 -21.67 -8.27 -8.29
C TYR D 73 -23.10 -8.74 -8.50
N LEU D 74 -23.52 -9.74 -7.73
CA LEU D 74 -24.90 -10.19 -7.78
C LEU D 74 -25.82 -9.01 -7.52
N ARG D 75 -25.77 -8.45 -6.31
CA ARG D 75 -26.63 -7.31 -5.94
C ARG D 75 -26.75 -6.19 -6.98
N HIS D 76 -25.66 -5.86 -7.68
CA HIS D 76 -25.66 -4.71 -8.58
C HIS D 76 -24.80 -4.83 -9.86
N GLY D 77 -24.50 -6.04 -10.30
CA GLY D 77 -23.80 -6.25 -11.56
C GLY D 77 -22.54 -5.44 -11.78
N LYS D 78 -21.77 -5.18 -10.72
CA LYS D 78 -20.51 -4.44 -10.83
C LYS D 78 -19.44 -5.02 -9.93
N LEU D 79 -18.22 -5.06 -10.46
CA LEU D 79 -17.07 -5.65 -9.79
C LEU D 79 -16.46 -4.65 -8.80
N VAL D 80 -16.60 -4.91 -7.51
CA VAL D 80 -15.88 -4.11 -6.52
C VAL D 80 -14.86 -4.97 -5.77
N ILE D 81 -13.61 -4.53 -5.73
CA ILE D 81 -12.63 -5.12 -4.82
C ILE D 81 -11.85 -3.97 -4.16
N ASN D 82 -11.45 -4.15 -2.91
CA ASN D 82 -10.70 -3.14 -2.17
C ASN D 82 -9.22 -3.32 -2.43
N LYS D 83 -8.44 -2.28 -2.18
CA LYS D 83 -7.04 -2.27 -2.65
C LYS D 83 -6.17 -3.37 -2.03
N ASP D 84 -6.58 -3.92 -0.89
CA ASP D 84 -5.79 -4.96 -0.18
C ASP D 84 -6.18 -6.43 -0.44
N LEU D 85 -7.40 -6.69 -0.92
CA LEU D 85 -7.79 -8.07 -1.27
C LEU D 85 -7.01 -8.56 -2.48
N ALA D 86 -6.71 -9.85 -2.51
CA ALA D 86 -5.99 -10.46 -3.63
C ALA D 86 -6.97 -10.77 -4.74
N GLU D 87 -6.81 -10.13 -5.90
CA GLU D 87 -7.72 -10.39 -7.02
C GLU D 87 -7.77 -11.87 -7.44
N GLU D 88 -6.65 -12.58 -7.31
CA GLU D 88 -6.61 -14.01 -7.66
C GLU D 88 -7.58 -14.81 -6.82
N GLY D 89 -7.60 -14.56 -5.53
CA GLY D 89 -8.48 -15.28 -4.61
C GLY D 89 -9.97 -15.14 -4.91
N VAL D 90 -10.35 -14.01 -5.51
CA VAL D 90 -11.72 -13.83 -5.97
C VAL D 90 -12.05 -14.80 -7.11
N LEU D 91 -11.15 -14.89 -8.09
CA LEU D 91 -11.34 -15.80 -9.24
C LEU D 91 -11.77 -17.20 -8.80
N GLU D 92 -11.09 -17.74 -7.77
CA GLU D 92 -11.44 -19.04 -7.22
C GLU D 92 -12.87 -19.05 -6.70
N GLU D 93 -13.19 -18.09 -5.84
CA GLU D 93 -14.54 -18.03 -5.30
C GLU D 93 -15.58 -17.79 -6.41
N ALA D 94 -15.19 -17.17 -7.52
CA ALA D 94 -16.09 -17.03 -8.66
C ALA D 94 -16.28 -18.37 -9.36
N GLU D 95 -15.18 -19.09 -9.57
CA GLU D 95 -15.18 -20.37 -10.27
C GLU D 95 -15.86 -21.49 -9.47
N PHE D 96 -15.77 -21.46 -8.13
CA PHE D 96 -16.47 -22.44 -7.28
C PHE D 96 -17.99 -22.30 -7.33
N TYR D 97 -18.45 -21.05 -7.31
CA TYR D 97 -19.87 -20.73 -7.40
C TYR D 97 -20.40 -20.75 -8.85
N ASN D 98 -19.50 -20.63 -9.82
CA ASN D 98 -19.84 -20.80 -11.24
C ASN D 98 -20.59 -19.61 -11.83
N ILE D 99 -20.28 -18.42 -11.35
CA ILE D 99 -20.90 -17.20 -11.86
C ILE D 99 -20.12 -16.75 -13.08
N THR D 100 -20.60 -17.14 -14.27
CA THR D 100 -19.82 -17.06 -15.52
C THR D 100 -19.43 -15.62 -15.93
N SER D 101 -20.41 -14.71 -15.86
CA SER D 101 -20.23 -13.30 -16.23
C SER D 101 -19.21 -12.61 -15.31
N LEU D 102 -19.24 -12.98 -14.03
CA LEU D 102 -18.23 -12.53 -13.07
C LEU D 102 -16.82 -13.00 -13.47
N ILE D 103 -16.69 -14.28 -13.77
CA ILE D 103 -15.40 -14.92 -14.09
C ILE D 103 -14.76 -14.31 -15.34
N LYS D 104 -15.55 -13.72 -16.23
CA LYS D 104 -14.99 -12.98 -17.34
C LYS D 104 -14.47 -11.61 -16.86
N LEU D 105 -15.13 -11.00 -15.89
CA LEU D 105 -14.68 -9.72 -15.33
C LEU D 105 -13.42 -9.90 -14.47
N VAL D 106 -13.49 -10.83 -13.53
CA VAL D 106 -12.44 -11.04 -12.53
C VAL D 106 -11.10 -11.31 -13.14
N LYS D 107 -11.09 -12.05 -14.23
CA LYS D 107 -9.88 -12.29 -15.00
C LYS D 107 -9.43 -11.06 -15.78
N ASP D 108 -10.40 -10.26 -16.24
CA ASP D 108 -10.07 -9.09 -17.06
C ASP D 108 -9.36 -8.03 -16.24
N LYS D 109 -9.70 -7.94 -14.97
CA LYS D 109 -8.95 -7.12 -14.03
C LYS D 109 -7.54 -7.68 -13.76
N ILE D 110 -7.42 -9.03 -13.75
CA ILE D 110 -6.13 -9.67 -13.43
C ILE D 110 -5.15 -9.44 -14.56
N ARG D 111 -5.68 -9.41 -15.78
CA ARG D 111 -4.93 -8.91 -16.89
C ARG D 111 -4.68 -7.40 -16.62
N GLU D 112 -5.84 -6.65 -16.69
CA GLU D 112 -5.78 -5.18 -16.63
C GLU D 112 -4.60 -4.52 -15.88
N ARG D 113 -4.20 -5.08 -14.72
CA ARG D 113 -3.17 -4.46 -13.88
C ARG D 113 -1.78 -5.09 -14.04
N ASP D 114 -1.74 -6.39 -14.40
CA ASP D 114 -0.49 -7.03 -14.86
C ASP D 114 -0.11 -6.51 -16.25
N SER D 115 -1.19 -6.40 -17.04
CA SER D 115 -1.22 -5.59 -18.27
C SER D 115 -1.20 -4.11 -17.87
N LYS D 116 -0.10 -3.66 -17.25
CA LYS D 116 0.10 -2.22 -17.01
C LYS D 116 1.57 -1.81 -16.72
N THR D 117 2.55 -2.52 -17.31
CA THR D 117 3.95 -2.08 -17.28
C THR D 117 4.11 -1.02 -18.37
N SER D 118 3.64 0.18 -18.04
CA SER D 118 3.57 1.28 -19.00
C SER D 118 4.73 2.24 -18.78
N GLN D 119 5.96 1.70 -18.84
CA GLN D 119 7.18 2.53 -18.94
C GLN D 119 7.37 2.93 -20.39
N VAL D 120 6.55 2.35 -21.26
CA VAL D 120 6.27 2.84 -22.61
C VAL D 120 6.72 4.30 -22.76
N PRO D 121 7.96 4.52 -23.28
CA PRO D 121 8.47 5.90 -23.38
C PRO D 121 7.51 6.89 -24.11
N VAL D 122 6.66 7.58 -23.34
CA VAL D 122 5.78 8.63 -23.87
C VAL D 122 6.68 9.55 -24.70
N LYS D 123 6.37 9.66 -26.00
CA LYS D 123 7.39 9.99 -27.00
C LYS D 123 8.06 11.38 -26.90
N HIS D 124 9.15 11.53 -27.63
CA HIS D 124 9.86 12.79 -27.72
C HIS D 124 10.26 13.04 -29.17
N VAL D 125 9.95 14.23 -29.66
CA VAL D 125 10.46 14.69 -30.95
C VAL D 125 11.69 15.56 -30.72
N TYR D 126 12.62 15.49 -31.66
CA TYR D 126 13.89 16.17 -31.53
C TYR D 126 14.12 17.15 -32.69
N ARG D 127 14.80 18.27 -32.41
CA ARG D 127 15.09 19.31 -33.40
C ARG D 127 16.54 19.67 -33.33
N VAL D 128 17.08 20.23 -34.40
CA VAL D 128 18.47 20.60 -34.43
C VAL D 128 18.61 22.09 -34.84
N LEU D 129 18.77 22.97 -33.85
CA LEU D 129 18.85 24.43 -34.06
C LEU D 129 20.29 24.86 -34.33
N GLN D 130 20.43 26.06 -34.90
CA GLN D 130 21.74 26.60 -35.26
C GLN D 130 21.78 28.10 -35.02
N CYS D 131 22.70 28.54 -34.15
CA CYS D 131 22.90 29.96 -33.91
C CYS D 131 24.36 30.26 -33.62
N GLN D 132 24.76 31.49 -33.93
CA GLN D 132 26.12 31.97 -33.63
C GLN D 132 26.33 32.18 -32.12
N GLU D 133 27.60 32.32 -31.75
CA GLU D 133 28.03 32.65 -30.37
C GLU D 133 27.21 33.75 -29.70
N GLU D 134 27.03 34.87 -30.42
CA GLU D 134 26.46 36.12 -29.87
C GLU D 134 25.02 35.95 -29.39
N GLU D 135 24.21 35.29 -30.20
CA GLU D 135 22.79 35.04 -29.91
C GLU D 135 22.60 33.60 -29.43
N LEU D 136 23.52 33.14 -28.59
CA LEU D 136 23.45 31.78 -28.04
C LEU D 136 22.80 31.75 -26.65
N THR D 137 22.89 32.85 -25.91
CA THR D 137 22.16 32.98 -24.65
C THR D 137 20.68 33.15 -24.91
N GLN D 138 20.36 33.86 -26.00
CA GLN D 138 18.99 34.23 -26.35
C GLN D 138 18.17 33.01 -26.77
N MET D 139 18.62 32.36 -27.84
CA MET D 139 18.00 31.14 -28.36
C MET D 139 17.52 30.25 -27.22
N VAL D 140 18.45 29.92 -26.32
CA VAL D 140 18.24 29.04 -25.17
C VAL D 140 17.09 29.48 -24.25
N SER D 141 16.96 30.79 -24.05
CA SER D 141 15.97 31.37 -23.14
C SER D 141 14.64 31.70 -23.82
N THR D 142 14.69 32.37 -24.97
CA THR D 142 13.47 32.68 -25.74
C THR D 142 12.93 31.43 -26.44
N MET D 143 13.57 30.29 -26.17
CA MET D 143 13.13 28.99 -26.66
C MET D 143 11.67 28.74 -26.30
N SER D 144 10.93 28.16 -27.24
CA SER D 144 9.47 28.03 -27.15
C SER D 144 8.97 27.26 -25.92
N ASP D 145 7.66 27.21 -25.75
CA ASP D 145 7.02 26.58 -24.60
C ASP D 145 7.04 25.05 -24.71
N GLY D 146 7.48 24.37 -23.65
CA GLY D 146 7.48 22.90 -23.59
C GLY D 146 8.76 22.22 -24.04
N TRP D 147 9.53 22.88 -24.90
CA TRP D 147 10.76 22.30 -25.40
C TRP D 147 11.77 22.28 -24.27
N LYS D 148 12.58 21.22 -24.21
CA LYS D 148 13.70 21.15 -23.26
C LYS D 148 15.01 21.21 -24.03
N PHE D 149 16.10 21.46 -23.32
CA PHE D 149 17.46 21.47 -23.89
C PHE D 149 17.99 20.04 -23.80
N GLU D 150 18.89 19.68 -24.71
CA GLU D 150 19.50 18.35 -24.68
C GLU D 150 21.02 18.41 -24.71
N GLN D 151 21.55 18.92 -25.80
CA GLN D 151 22.98 18.95 -26.00
C GLN D 151 23.26 20.01 -27.04
N LEU D 152 24.49 20.50 -27.13
CA LEU D 152 24.87 21.44 -28.19
C LEU D 152 26.33 21.22 -28.60
N VAL D 153 26.63 21.41 -29.87
CA VAL D 153 27.93 20.98 -30.39
C VAL D 153 28.61 22.02 -31.30
N SER D 154 29.91 22.17 -31.10
CA SER D 154 30.66 23.31 -31.60
C SER D 154 31.10 23.06 -33.04
N ILE D 155 31.35 24.14 -33.79
CA ILE D 155 31.62 24.03 -35.23
C ILE D 155 32.70 25.02 -35.73
N GLY D 156 33.95 24.79 -35.31
CA GLY D 156 35.16 25.35 -35.99
C GLY D 156 35.69 26.74 -35.61
N SER D 157 36.47 26.81 -34.52
CA SER D 157 36.98 28.10 -33.98
C SER D 157 38.48 28.24 -34.27
N SER D 158 38.85 29.43 -34.76
CA SER D 158 40.19 29.63 -35.32
C SER D 158 40.78 31.00 -34.94
N GLU D 164 32.93 35.76 -43.31
CA GLU D 164 31.88 34.79 -43.66
C GLU D 164 30.88 34.60 -42.47
N ASP D 165 29.62 35.00 -42.71
CA ASP D 165 28.66 35.32 -41.65
C ASP D 165 27.95 34.08 -41.08
N GLN D 166 27.38 33.25 -41.96
CA GLN D 166 26.56 32.03 -41.61
C GLN D 166 26.32 31.64 -40.11
N ALA D 167 27.06 30.67 -39.55
CA ALA D 167 26.76 30.15 -38.19
C ALA D 167 27.98 29.62 -37.40
N GLU D 168 27.75 29.04 -36.20
CA GLU D 168 28.85 28.67 -35.28
C GLU D 168 28.60 27.55 -34.26
N PHE D 169 27.32 27.22 -34.00
CA PHE D 169 26.95 26.15 -33.04
C PHE D 169 25.72 25.41 -33.54
N LEU D 170 25.67 24.10 -33.35
CA LEU D 170 24.41 23.39 -33.53
C LEU D 170 23.74 23.37 -32.18
N CYS D 171 22.52 22.83 -32.09
CA CYS D 171 21.88 22.66 -30.79
C CYS D 171 20.68 21.73 -30.82
N VAL D 172 20.79 20.59 -30.17
CA VAL D 172 19.69 19.64 -30.07
C VAL D 172 18.81 19.98 -28.88
N VAL D 173 17.50 19.82 -29.07
CA VAL D 173 16.50 20.25 -28.12
C VAL D 173 15.28 19.36 -28.29
N SER D 174 14.72 18.86 -27.21
CA SER D 174 13.65 17.87 -27.28
C SER D 174 12.26 18.48 -27.08
N LYS D 175 11.22 17.66 -27.28
CA LYS D 175 9.86 18.05 -26.97
C LYS D 175 8.96 16.82 -26.81
N GLU D 176 8.27 16.77 -25.68
CA GLU D 176 7.44 15.64 -25.32
C GLU D 176 6.16 15.67 -26.13
N LEU D 177 5.57 14.49 -26.33
CA LEU D 177 4.40 14.32 -27.19
C LEU D 177 3.21 13.76 -26.45
N HIS D 178 2.91 14.34 -25.29
CA HIS D 178 1.67 14.01 -24.61
C HIS D 178 0.52 14.66 -25.39
N VAL E 10 -41.57 3.10 17.09
CA VAL E 10 -41.09 4.49 16.76
C VAL E 10 -40.33 5.13 17.96
N SER E 11 -39.27 4.45 18.44
CA SER E 11 -38.63 4.73 19.75
C SER E 11 -37.75 6.00 19.82
N LYS E 12 -36.49 5.83 19.43
CA LYS E 12 -35.43 6.80 19.65
C LYS E 12 -34.18 6.27 18.94
N TRP E 13 -33.72 5.11 19.40
CA TRP E 13 -32.59 4.40 18.82
C TRP E 13 -33.10 3.36 17.83
N VAL E 14 -32.33 3.10 16.78
CA VAL E 14 -32.72 2.18 15.72
C VAL E 14 -31.53 1.29 15.40
N ARG E 15 -31.78 0.01 15.16
CA ARG E 15 -30.73 -0.92 14.77
C ARG E 15 -30.90 -1.31 13.30
N LEU E 16 -29.84 -1.22 12.49
CA LEU E 16 -29.90 -1.70 11.10
C LEU E 16 -29.39 -3.13 11.08
N ASN E 17 -29.00 -3.62 9.91
CA ASN E 17 -28.39 -4.95 9.72
C ASN E 17 -28.05 -5.00 8.25
N VAL E 18 -27.02 -4.27 7.88
CA VAL E 18 -26.61 -4.17 6.49
C VAL E 18 -25.72 -5.36 6.14
N GLY E 19 -26.16 -6.17 5.19
CA GLY E 19 -25.42 -7.36 4.77
C GLY E 19 -25.04 -8.40 5.82
N GLY E 20 -25.61 -8.31 7.02
CA GLY E 20 -25.34 -9.31 8.08
C GLY E 20 -24.30 -8.93 9.12
N THR E 21 -24.18 -7.63 9.37
CA THR E 21 -23.27 -7.06 10.36
C THR E 21 -24.03 -5.85 10.92
N TYR E 22 -24.43 -5.89 12.18
CA TYR E 22 -25.38 -4.91 12.69
C TYR E 22 -24.78 -3.50 12.75
N PHE E 23 -25.64 -2.50 12.52
CA PHE E 23 -25.35 -1.08 12.81
C PHE E 23 -26.36 -0.49 13.81
N LEU E 24 -25.90 0.45 14.61
CA LEU E 24 -26.74 1.16 15.57
C LEU E 24 -26.71 2.64 15.22
N THR E 25 -27.87 3.28 15.27
CA THR E 25 -27.94 4.72 15.10
C THR E 25 -29.28 5.23 15.63
N THR E 26 -29.46 6.55 15.59
CA THR E 26 -30.63 7.18 16.17
C THR E 26 -31.56 7.65 15.08
N ARG E 27 -32.85 7.41 15.29
CA ARG E 27 -33.90 7.83 14.38
C ARG E 27 -33.46 9.11 13.67
N GLN E 28 -33.06 10.05 14.50
CA GLN E 28 -32.61 11.38 14.12
C GLN E 28 -31.54 11.46 13.02
N THR E 29 -30.66 10.47 12.96
CA THR E 29 -29.61 10.46 11.94
C THR E 29 -30.15 10.12 10.57
N LEU E 30 -31.25 9.35 10.56
CA LEU E 30 -31.79 8.80 9.33
C LEU E 30 -32.80 9.70 8.64
N CYS E 31 -33.17 10.82 9.27
CA CYS E 31 -34.12 11.76 8.68
C CYS E 31 -33.43 12.91 8.01
N ARG E 32 -32.10 12.93 8.03
CA ARG E 32 -31.36 14.02 7.44
C ARG E 32 -31.78 14.28 6.00
N ASP E 33 -31.88 13.23 5.20
CA ASP E 33 -32.29 13.35 3.81
C ASP E 33 -33.60 12.59 3.63
N PRO E 34 -34.72 13.31 3.40
CA PRO E 34 -36.03 12.69 3.33
C PRO E 34 -36.44 12.15 1.96
N LYS E 35 -35.53 12.16 1.00
CA LYS E 35 -35.76 11.51 -0.30
C LYS E 35 -34.85 10.28 -0.49
N SER E 36 -34.37 9.70 0.61
CA SER E 36 -33.53 8.50 0.58
C SER E 36 -34.25 7.31 1.20
N PHE E 37 -33.86 6.12 0.78
CA PHE E 37 -34.49 4.89 1.30
C PHE E 37 -34.62 4.93 2.83
N LEU E 38 -33.54 5.33 3.49
CA LEU E 38 -33.42 5.26 4.95
C LEU E 38 -34.50 6.05 5.67
N TYR E 39 -34.95 7.13 5.04
CA TYR E 39 -35.98 8.00 5.61
C TYR E 39 -37.22 7.23 6.06
N ARG E 40 -37.57 6.14 5.38
CA ARG E 40 -38.74 5.38 5.80
C ARG E 40 -38.51 4.70 7.16
N LEU E 41 -37.26 4.35 7.46
CA LEU E 41 -36.94 3.73 8.76
C LEU E 41 -36.93 4.74 9.92
N CYS E 42 -36.89 6.04 9.60
CA CYS E 42 -36.89 7.11 10.60
C CYS E 42 -38.32 7.55 10.98
N GLN E 43 -39.27 7.29 10.09
CA GLN E 43 -40.67 7.61 10.35
C GLN E 43 -41.37 6.50 11.15
N ALA E 44 -41.07 5.24 10.80
CA ALA E 44 -41.74 4.04 11.36
C ALA E 44 -42.75 3.50 10.35
N ASP E 45 -42.21 2.93 9.27
CA ASP E 45 -42.99 2.50 8.11
C ASP E 45 -43.69 1.15 8.35
N PRO E 46 -45.04 1.10 8.19
CA PRO E 46 -45.75 -0.20 8.24
C PRO E 46 -45.37 -1.24 7.16
N ASP E 47 -44.87 -0.77 6.01
CA ASP E 47 -44.45 -1.66 4.91
C ASP E 47 -42.97 -2.10 4.95
N LEU E 48 -42.20 -1.56 5.90
CA LEU E 48 -40.88 -2.09 6.24
C LEU E 48 -40.91 -2.63 7.67
N ASP E 49 -41.89 -3.48 7.95
CA ASP E 49 -41.96 -4.24 9.21
C ASP E 49 -41.92 -5.76 8.98
N SER E 50 -42.17 -6.21 7.75
CA SER E 50 -41.83 -7.56 7.37
C SER E 50 -40.31 -7.68 7.48
N ASP E 51 -39.60 -6.70 6.90
CA ASP E 51 -38.14 -6.75 6.79
C ASP E 51 -37.37 -6.46 8.11
N LYS E 52 -38.07 -6.56 9.25
CA LYS E 52 -37.42 -6.63 10.57
C LYS E 52 -37.20 -8.09 10.97
N ASP E 53 -36.15 -8.35 11.73
CA ASP E 53 -35.77 -9.72 12.13
C ASP E 53 -36.19 -10.05 13.58
N GLU E 54 -35.49 -11.01 14.20
CA GLU E 54 -35.75 -11.37 15.61
C GLU E 54 -35.25 -10.27 16.57
N THR E 55 -34.03 -9.80 16.36
CA THR E 55 -33.40 -8.80 17.21
C THR E 55 -34.08 -7.42 17.18
N GLY E 56 -35.10 -7.25 16.32
CA GLY E 56 -35.77 -5.95 16.13
C GLY E 56 -35.13 -5.06 15.05
N ALA E 57 -33.93 -5.40 14.59
CA ALA E 57 -33.23 -4.57 13.63
C ALA E 57 -33.89 -4.64 12.26
N TYR E 58 -33.64 -3.62 11.44
CA TYR E 58 -34.13 -3.59 10.06
C TYR E 58 -33.10 -4.29 9.21
N LEU E 59 -33.56 -5.02 8.19
CA LEU E 59 -32.67 -5.81 7.34
C LEU E 59 -32.46 -5.06 6.02
N ILE E 60 -31.25 -5.09 5.47
CA ILE E 60 -30.93 -4.38 4.22
C ILE E 60 -29.94 -5.16 3.36
N ASP E 61 -30.39 -5.66 2.22
CA ASP E 61 -29.53 -6.46 1.36
C ASP E 61 -28.47 -5.59 0.67
N ARG E 62 -27.55 -5.04 1.44
CA ARG E 62 -26.40 -4.32 0.88
C ARG E 62 -25.10 -4.57 1.69
N ASP E 63 -23.97 -4.12 1.13
CA ASP E 63 -22.64 -4.45 1.67
C ASP E 63 -22.15 -3.49 2.76
N PRO E 64 -22.10 -3.96 4.03
CA PRO E 64 -21.81 -3.09 5.18
C PRO E 64 -20.41 -2.48 5.23
N THR E 65 -19.49 -2.99 4.43
CA THR E 65 -18.21 -2.36 4.29
C THR E 65 -18.47 -0.93 3.88
N TYR E 66 -19.14 -0.75 2.77
CA TYR E 66 -19.23 0.57 2.15
C TYR E 66 -20.28 1.46 2.78
N PHE E 67 -21.21 0.85 3.52
CA PHE E 67 -22.33 1.55 4.15
C PHE E 67 -21.92 2.46 5.28
N GLY E 68 -20.88 2.08 6.02
CA GLY E 68 -20.31 2.94 7.06
C GLY E 68 -20.18 4.42 6.68
N PRO E 69 -19.30 4.77 5.73
CA PRO E 69 -19.14 6.14 5.24
C PRO E 69 -20.47 6.87 5.04
N VAL E 70 -21.38 6.26 4.29
CA VAL E 70 -22.73 6.80 4.08
C VAL E 70 -23.38 7.15 5.42
N LEU E 71 -23.41 6.19 6.33
CA LEU E 71 -24.05 6.41 7.61
C LEU E 71 -23.33 7.52 8.34
N ASN E 72 -22.02 7.61 8.18
CA ASN E 72 -21.26 8.70 8.79
C ASN E 72 -21.78 10.05 8.27
N TYR E 73 -21.77 10.22 6.95
CA TYR E 73 -22.23 11.46 6.35
C TYR E 73 -23.55 11.93 6.96
N LEU E 74 -24.46 11.01 7.22
CA LEU E 74 -25.75 11.35 7.83
C LEU E 74 -25.67 11.88 9.28
N ARG E 75 -24.65 11.44 10.02
CA ARG E 75 -24.45 11.90 11.39
C ARG E 75 -23.83 13.30 11.48
N HIS E 76 -22.84 13.59 10.62
CA HIS E 76 -22.07 14.84 10.70
C HIS E 76 -21.73 15.56 9.39
N GLY E 77 -22.26 15.10 8.27
CA GLY E 77 -22.11 15.83 6.99
C GLY E 77 -20.71 15.95 6.42
N LYS E 78 -19.90 14.91 6.58
CA LYS E 78 -18.52 14.90 6.08
C LYS E 78 -18.26 13.58 5.37
N LEU E 79 -17.45 13.64 4.32
CA LEU E 79 -17.09 12.43 3.57
C LEU E 79 -15.76 11.86 4.05
N VAL E 80 -15.85 10.96 5.03
CA VAL E 80 -14.71 10.25 5.57
C VAL E 80 -14.56 8.90 4.86
N ILE E 81 -13.34 8.59 4.40
CA ILE E 81 -13.06 7.30 3.74
C ILE E 81 -11.71 6.73 4.22
N ASN E 82 -11.68 5.43 4.52
CA ASN E 82 -10.42 4.75 4.88
C ASN E 82 -9.65 4.49 3.60
N LYS E 83 -8.31 4.53 3.65
CA LYS E 83 -7.47 4.60 2.44
C LYS E 83 -7.60 3.42 1.48
N ASP E 84 -7.84 2.21 2.01
CA ASP E 84 -7.92 0.99 1.20
C ASP E 84 -9.23 0.85 0.40
N LEU E 85 -10.37 1.17 1.04
CA LEU E 85 -11.73 1.03 0.45
C LEU E 85 -11.88 1.69 -0.92
N ALA E 86 -12.72 1.10 -1.76
CA ALA E 86 -12.91 1.60 -3.12
C ALA E 86 -13.99 2.70 -3.14
N GLU E 87 -13.63 3.87 -3.67
CA GLU E 87 -14.60 4.95 -3.79
C GLU E 87 -15.75 4.55 -4.71
N GLU E 88 -15.46 3.71 -5.71
CA GLU E 88 -16.49 3.25 -6.65
C GLU E 88 -17.60 2.48 -5.96
N GLY E 89 -17.24 1.78 -4.90
CA GLY E 89 -18.21 1.04 -4.08
C GLY E 89 -19.05 1.95 -3.21
N VAL E 90 -18.47 3.06 -2.77
CA VAL E 90 -19.20 4.08 -2.02
C VAL E 90 -20.24 4.76 -2.92
N LEU E 91 -19.75 5.32 -4.03
CA LEU E 91 -20.60 5.88 -5.07
C LEU E 91 -21.85 5.04 -5.22
N GLU E 92 -21.64 3.76 -5.54
CA GLU E 92 -22.71 2.79 -5.81
C GLU E 92 -23.67 2.54 -4.64
N GLU E 93 -23.15 2.58 -3.42
CA GLU E 93 -24.02 2.47 -2.24
C GLU E 93 -24.73 3.79 -1.97
N ALA E 94 -24.05 4.90 -2.24
CA ALA E 94 -24.67 6.21 -2.15
C ALA E 94 -25.89 6.26 -3.04
N GLU E 95 -25.70 5.91 -4.31
CA GLU E 95 -26.77 5.96 -5.29
C GLU E 95 -27.96 5.14 -4.87
N PHE E 96 -27.74 3.87 -4.54
CA PHE E 96 -28.82 3.00 -4.07
C PHE E 96 -29.67 3.68 -3.02
N TYR E 97 -29.05 4.15 -1.96
CA TYR E 97 -29.80 4.79 -0.86
C TYR E 97 -30.40 6.15 -1.30
N ASN E 98 -29.83 6.74 -2.34
CA ASN E 98 -30.29 8.01 -2.91
C ASN E 98 -30.08 9.16 -1.94
N ILE E 99 -28.83 9.60 -1.88
CA ILE E 99 -28.45 10.80 -1.17
C ILE E 99 -27.76 11.67 -2.20
N THR E 100 -28.50 12.63 -2.76
CA THR E 100 -28.00 13.42 -3.88
C THR E 100 -26.80 14.26 -3.46
N SER E 101 -26.81 14.72 -2.22
CA SER E 101 -25.70 15.48 -1.65
C SER E 101 -24.41 14.67 -1.70
N LEU E 102 -24.47 13.46 -1.16
CA LEU E 102 -23.31 12.58 -1.02
C LEU E 102 -22.80 12.06 -2.36
N ILE E 103 -23.70 11.75 -3.29
CA ILE E 103 -23.30 11.32 -4.65
C ILE E 103 -22.41 12.39 -5.33
N LYS E 104 -22.66 13.66 -5.02
CA LYS E 104 -21.88 14.78 -5.56
C LYS E 104 -20.50 14.81 -4.91
N LEU E 105 -20.49 14.74 -3.58
CA LEU E 105 -19.23 14.68 -2.83
C LEU E 105 -18.33 13.53 -3.29
N VAL E 106 -18.92 12.37 -3.57
CA VAL E 106 -18.13 11.21 -3.97
C VAL E 106 -17.67 11.32 -5.41
N LYS E 107 -18.52 11.87 -6.26
CA LYS E 107 -18.12 12.11 -7.65
C LYS E 107 -17.11 13.27 -7.77
N ASP E 108 -16.93 14.01 -6.66
CA ASP E 108 -15.82 14.96 -6.52
C ASP E 108 -14.55 14.20 -6.20
N LYS E 109 -14.61 13.38 -5.15
CA LYS E 109 -13.48 12.55 -4.73
C LYS E 109 -12.88 11.75 -5.89
N ILE E 110 -13.73 11.20 -6.76
CA ILE E 110 -13.28 10.35 -7.86
C ILE E 110 -12.60 11.13 -9.00
N ARG E 111 -13.14 12.30 -9.34
CA ARG E 111 -12.47 13.18 -10.30
C ARG E 111 -11.22 13.79 -9.70
N GLU E 112 -11.28 14.13 -8.41
CA GLU E 112 -10.14 14.70 -7.68
C GLU E 112 -8.86 13.84 -7.73
N ARG E 113 -8.97 12.51 -7.77
CA ARG E 113 -7.77 11.63 -7.83
C ARG E 113 -7.56 10.89 -9.15
N ASP E 114 -8.61 10.70 -9.96
CA ASP E 114 -8.41 10.15 -11.31
C ASP E 114 -7.75 11.22 -12.15
N SER E 115 -7.00 10.78 -13.16
CA SER E 115 -6.11 11.66 -13.93
C SER E 115 -5.15 12.40 -13.00
N LYS E 116 -4.89 11.80 -11.84
CA LYS E 116 -3.83 12.22 -10.92
C LYS E 116 -2.50 12.13 -11.66
N THR E 117 -2.23 10.94 -12.19
CA THR E 117 -0.95 10.62 -12.82
C THR E 117 -0.82 11.24 -14.24
N SER E 118 -0.95 12.57 -14.32
CA SER E 118 -0.93 13.29 -15.60
C SER E 118 -0.74 14.81 -15.42
N GLN E 119 0.51 15.25 -15.41
CA GLN E 119 0.89 16.64 -15.12
C GLN E 119 1.34 17.37 -16.40
N VAL E 120 1.06 18.67 -16.50
CA VAL E 120 1.59 19.51 -17.60
C VAL E 120 3.11 19.71 -17.41
N PRO E 121 3.90 19.49 -18.49
CA PRO E 121 5.36 19.25 -18.36
C PRO E 121 6.18 20.33 -17.65
N VAL E 122 6.17 20.30 -16.31
CA VAL E 122 6.91 21.26 -15.47
C VAL E 122 7.99 22.00 -16.29
N LYS E 123 7.60 23.17 -16.81
CA LYS E 123 8.37 23.92 -17.81
C LYS E 123 9.79 24.27 -17.33
N HIS E 124 10.69 24.47 -18.29
CA HIS E 124 12.09 24.75 -17.95
C HIS E 124 12.60 26.07 -18.53
N VAL E 125 13.33 26.82 -17.69
CA VAL E 125 13.99 28.08 -18.05
C VAL E 125 15.51 27.91 -17.98
N TYR E 126 16.22 28.45 -18.96
CA TYR E 126 17.63 28.16 -19.15
C TYR E 126 18.47 29.44 -19.15
N ARG E 127 19.75 29.34 -18.77
CA ARG E 127 20.71 30.45 -18.90
C ARG E 127 21.93 30.00 -19.68
N VAL E 128 22.88 30.91 -19.88
CA VAL E 128 24.17 30.55 -20.49
C VAL E 128 25.29 31.35 -19.87
N LEU E 129 25.78 30.88 -18.71
CA LEU E 129 26.83 31.57 -17.97
C LEU E 129 28.15 31.58 -18.75
N GLN E 130 28.94 32.63 -18.53
CA GLN E 130 30.23 32.82 -19.21
C GLN E 130 31.33 33.11 -18.19
N CYS E 131 32.53 32.61 -18.45
CA CYS E 131 33.65 32.79 -17.55
C CYS E 131 35.00 32.52 -18.24
N GLN E 132 36.07 32.80 -17.50
CA GLN E 132 37.45 32.59 -17.96
C GLN E 132 38.10 31.42 -17.20
N GLU E 133 39.32 31.08 -17.60
CA GLU E 133 40.07 29.97 -17.01
C GLU E 133 39.97 29.92 -15.49
N GLU E 134 40.31 31.04 -14.85
CA GLU E 134 40.57 31.06 -13.41
C GLU E 134 39.35 30.91 -12.50
N GLU E 135 38.26 31.62 -12.81
CA GLU E 135 37.04 31.58 -11.96
C GLU E 135 36.12 30.39 -12.29
N LEU E 136 36.52 29.54 -13.23
CA LEU E 136 35.72 28.39 -13.66
C LEU E 136 35.20 27.62 -12.46
N THR E 137 36.15 27.15 -11.65
CA THR E 137 35.85 26.33 -10.50
C THR E 137 34.73 26.99 -9.67
N GLN E 138 34.80 28.31 -9.59
CA GLN E 138 33.92 29.13 -8.76
C GLN E 138 32.48 29.14 -9.26
N MET E 139 32.32 29.51 -10.51
CA MET E 139 31.02 29.60 -11.19
C MET E 139 30.14 28.39 -10.95
N VAL E 140 30.74 27.22 -11.07
CA VAL E 140 30.06 25.96 -10.82
C VAL E 140 29.85 25.77 -9.33
N SER E 141 30.93 25.87 -8.55
CA SER E 141 30.85 25.64 -7.10
C SER E 141 29.97 26.65 -6.37
N THR E 142 29.88 27.86 -6.92
CA THR E 142 28.96 28.89 -6.46
C THR E 142 27.87 29.02 -7.51
N MET E 143 26.86 28.16 -7.40
CA MET E 143 25.66 28.26 -8.24
C MET E 143 24.42 28.55 -7.41
N SER E 144 23.54 29.37 -7.95
CA SER E 144 22.34 29.77 -7.23
C SER E 144 21.48 28.56 -6.84
N ASP E 145 20.74 28.71 -5.75
CA ASP E 145 19.85 27.68 -5.22
C ASP E 145 18.90 27.16 -6.31
N GLY E 146 18.94 25.85 -6.56
CA GLY E 146 17.93 25.18 -7.39
C GLY E 146 18.23 25.03 -8.87
N TRP E 147 19.19 25.80 -9.40
CA TRP E 147 19.58 25.68 -10.81
C TRP E 147 20.43 24.39 -11.01
N LYS E 148 20.22 23.67 -12.11
CA LYS E 148 20.96 22.43 -12.39
C LYS E 148 21.97 22.62 -13.52
N PHE E 149 23.03 21.82 -13.48
CA PHE E 149 24.05 21.84 -14.52
C PHE E 149 23.49 21.12 -15.74
N GLU E 150 23.72 21.67 -16.94
CA GLU E 150 23.35 21.00 -18.19
C GLU E 150 24.53 20.74 -19.12
N GLN E 151 25.37 21.72 -19.38
CA GLN E 151 26.47 21.51 -20.34
C GLN E 151 27.49 22.67 -20.32
N LEU E 152 28.75 22.37 -20.60
CA LEU E 152 29.75 23.43 -20.70
C LEU E 152 30.61 23.28 -21.97
N VAL E 153 31.29 24.36 -22.35
CA VAL E 153 31.87 24.45 -23.69
C VAL E 153 33.21 25.21 -23.76
N SER E 154 34.23 24.58 -24.33
CA SER E 154 35.45 25.29 -24.62
C SER E 154 35.21 26.25 -25.80
N ILE E 155 35.99 27.33 -25.86
CA ILE E 155 35.95 28.32 -26.94
C ILE E 155 37.38 28.58 -27.47
N GLY E 156 38.14 27.50 -27.69
CA GLY E 156 39.42 27.54 -28.43
C GLY E 156 40.72 27.44 -27.60
N SER E 157 40.83 26.36 -26.80
CA SER E 157 41.96 26.17 -25.86
C SER E 157 43.27 25.60 -26.51
N SER E 158 44.36 26.36 -26.41
CA SER E 158 45.63 25.98 -27.06
C SER E 158 46.81 26.13 -26.07
N GLU E 164 44.11 41.86 -24.16
CA GLU E 164 43.94 40.61 -24.90
C GLU E 164 43.50 39.48 -23.97
N ASP E 165 42.21 39.10 -24.01
CA ASP E 165 41.69 38.04 -23.14
C ASP E 165 40.38 37.35 -23.66
N GLN E 166 39.28 38.12 -23.77
CA GLN E 166 37.93 37.59 -24.15
C GLN E 166 37.31 36.50 -23.20
N ALA E 167 36.20 35.90 -23.65
CA ALA E 167 35.55 34.79 -22.95
C ALA E 167 36.22 33.45 -23.30
N GLU E 168 36.29 32.56 -22.30
CA GLU E 168 36.96 31.27 -22.47
C GLU E 168 36.00 30.09 -22.33
N PHE E 169 35.05 30.18 -21.39
CA PHE E 169 34.12 29.08 -21.10
C PHE E 169 32.66 29.52 -21.04
N LEU E 170 31.81 28.93 -21.87
CA LEU E 170 30.38 29.18 -21.85
C LEU E 170 29.73 27.97 -21.22
N CYS E 171 28.63 28.18 -20.50
CA CYS E 171 28.14 27.13 -19.62
C CYS E 171 26.63 27.21 -19.32
N VAL E 172 25.87 26.27 -19.88
CA VAL E 172 24.40 26.28 -19.84
C VAL E 172 23.88 25.73 -18.54
N VAL E 173 22.71 26.18 -18.11
CA VAL E 173 22.16 25.77 -16.83
C VAL E 173 20.66 25.98 -16.78
N SER E 174 19.94 25.09 -16.11
CA SER E 174 18.47 25.07 -16.15
C SER E 174 17.88 25.48 -14.80
N LYS E 175 16.56 25.26 -14.66
CA LYS E 175 15.81 25.46 -13.42
C LYS E 175 14.36 25.02 -13.57
N GLU E 176 13.90 24.13 -12.69
CA GLU E 176 12.52 23.64 -12.72
C GLU E 176 11.53 24.70 -12.20
N LEU E 177 10.39 24.83 -12.89
CA LEU E 177 9.40 25.88 -12.60
C LEU E 177 8.07 25.26 -12.13
N HIS E 178 8.06 24.77 -10.89
CA HIS E 178 6.85 24.19 -10.27
C HIS E 178 5.98 25.29 -9.66
#